data_7XJI
#
_entry.id   7XJI
#
_cell.length_a   1.00
_cell.length_b   1.00
_cell.length_c   1.00
_cell.angle_alpha   90.00
_cell.angle_beta   90.00
_cell.angle_gamma   90.00
#
_symmetry.space_group_name_H-M   'P 1'
#
loop_
_entity.id
_entity.type
_entity.pdbx_description
1 polymer 'Guanine nucleotide-binding protein G(s) subunit alpha isoforms short'
2 polymer 'Guanine nucleotide-binding protein G(I)/G(S)/G(T) subunit beta-1'
3 polymer Nanobody-35
4 polymer 'Beta-3 adrenergic receptor'
5 polymer 'Guanine nucleotide-binding protein G(I)/G(S)/G(O) subunit gamma-2'
6 non-polymer '3-[3-[2-[[(2~{S})-2-(3-chlorophenyl)-2-oxidanyl-ethyl]amino]ethylamino]phenyl]benzoic acid'
#
loop_
_entity_poly.entity_id
_entity_poly.type
_entity_poly.pdbx_seq_one_letter_code
_entity_poly.pdbx_strand_id
1 'polypeptide(L)'
;GNSKTEDQRNEEKAQREANKKIEKQLQKDKQVYRATHRLLLLGADNSGKSTIVKQMRIYHVNGFNGEGGEEDPQAARSNS
DGEKATKVQDIKNNLKEAIETIVAAMSNLVPPVELANPENQFRVDYILSVMNVPDFDFPPEFYEHAKALWEDEGVRACYE
RSNEYQLIDCAQYFLDKIDVIKQADYVPSDQDLLRCRVLTSGIFETKFQVDKVNFHMFDVGGQRDERRKWIQCFNDVTAI
IFVVDSSDYNRLQEALNLFKSIWNNRWLRTISVILFLNKQDLLAEKVLAGKSKIEDYFPEFARYTTPEDATPEPGEDPRV
TRAKYFIRDEFLRISTASGDGRHYCYPHFTCAVDTENARRIFNDCRDIIQRMHLRQYELL
;
A
2 'polypeptide(L)'
;MHHHHHHGSLLQSELDQLRQEAEQLKNQIRDARKACADATLSQITNNIDPVGRIQMRTRRTLRGHLAKIYAMHWGTDSRL
LVSASQDGKLIIWDSYTTNKVHAIPLRSSWVMTCAYAPSGNYVACGGLDNICSIYNLKTREGNVRVSRELAGHTGYLSCC
RFLDDNQIVTSSGDTTCALWDIETGQQTTTFTGHTGDVMSLSLAPDTRLFVSGACDASAKLWDVREGMCRQTFTGHESDI
NAICFFPNGNAFATGSDDATCRLFDLRADQELMTYSHDNIICGITSVSFSKSGRLLLAGYDDFNCNVWDALKADRAGVLA
GHDNRVSCLGVTDDGMAVATGSWDSFLKIWN
;
B
3 'polypeptide(L)'
;MGQVQLQESGGGLVQPGGSLRLSCAASGFTFSNYKMNWVRQAPGKGLEWVSDISQSGASISYTGSVKGRFTISRDNAKNT
LYLQMNSLKPEDTAVYYCARCPAPFTRDCFDVTSTTYAYRGQGTQVTVSSLHHHHHH
;
N
4 'polypeptide(L)'
;DYKDDDDAMGAPWPHGNGSVASWPAAPTPTPDAANTSGLPGAPWAVALAGALLALEVLATVGGNLLVIVAIARTPRLQTM
TNVFVTSLATADLVVGLLVVPPGATLALTGRWPLGATGCELWTSVDVLCVTASIETLCALAVDRYLAVTNPLRYGALVTK
RRARAAVVLVWVVSAAVSFAPIMSKWWRVGADAEAQRCHSNPHCCAFASNIPYALLSSSVSFYLPLLVMLFVYARVFLVA
TRQLRLLRRELGRFPPAESPPAASRSRSPGPARRCASPAAVPSDRLRPARLLPLREHRALRTLGLIVGTFTLCWLPFFVA
NVMRALGGPSLVPSPALLALNWLGYANSAFNPLIYCRSPDFRSAFRRLLCRCRREEHRAAASPPGDPSENLYFQG
;
R
5 'polypeptide(L)' MASNNTASIAQARKLVEQLKMEANIDRIKVSKAAADLMAYCEAHAKEDPLLTPVPASENPFREKKFFS G
#
# COMPACT_ATOMS: atom_id res chain seq x y z
N THR A 5 19.71 32.29 28.41
CA THR A 5 18.94 31.46 27.49
C THR A 5 19.03 32.01 26.07
N GLU A 6 19.85 33.05 25.89
CA GLU A 6 20.02 33.65 24.57
C GLU A 6 20.60 32.65 23.57
N ASP A 7 21.60 31.87 24.01
CA ASP A 7 22.16 30.85 23.14
C ASP A 7 21.14 29.79 22.80
N GLN A 8 20.32 29.38 23.78
CA GLN A 8 19.27 28.40 23.51
C GLN A 8 18.25 28.96 22.51
N ARG A 9 17.87 30.23 22.69
CA ARG A 9 16.87 30.84 21.80
C ARG A 9 17.34 30.87 20.36
N ASN A 10 18.65 31.04 20.14
CA ASN A 10 19.16 31.04 18.78
C ASN A 10 19.15 29.65 18.13
N GLU A 11 18.99 28.60 18.92
CA GLU A 11 18.97 27.25 18.35
C GLU A 11 17.61 26.93 17.73
N GLU A 12 16.55 26.94 18.55
CA GLU A 12 15.23 26.59 18.03
C GLU A 12 14.74 27.59 17.00
N LYS A 13 15.17 28.85 17.08
CA LYS A 13 14.83 29.78 16.01
C LYS A 13 15.59 29.46 14.73
N ALA A 14 16.82 28.95 14.85
CA ALA A 14 17.56 28.54 13.65
C ALA A 14 16.92 27.31 13.01
N GLN A 15 16.40 26.40 13.81
CA GLN A 15 15.72 25.23 13.26
C GLN A 15 14.49 25.63 12.46
N ARG A 16 13.73 26.60 12.97
CA ARG A 16 12.53 27.05 12.26
C ARG A 16 12.89 27.64 10.90
N GLU A 17 13.93 28.45 10.84
CA GLU A 17 14.39 28.94 9.55
C GLU A 17 14.93 27.80 8.69
N ALA A 18 15.64 26.84 9.30
CA ALA A 18 16.04 25.65 8.56
C ALA A 18 14.83 24.84 8.12
N ASN A 19 13.84 24.69 9.00
CA ASN A 19 12.63 23.96 8.62
C ASN A 19 11.88 24.68 7.51
N LYS A 20 11.79 26.01 7.60
CA LYS A 20 11.06 26.77 6.59
C LYS A 20 11.71 26.66 5.22
N LYS A 21 13.04 26.73 5.16
CA LYS A 21 13.73 26.60 3.87
C LYS A 21 13.55 25.20 3.29
N ILE A 22 13.64 24.17 4.13
CA ILE A 22 13.49 22.80 3.65
C ILE A 22 12.05 22.54 3.21
N GLU A 23 11.08 22.98 4.01
CA GLU A 23 9.68 22.76 3.64
C GLU A 23 9.32 23.45 2.34
N LYS A 24 9.94 24.59 2.06
CA LYS A 24 9.72 25.24 0.76
C LYS A 24 10.24 24.39 -0.39
N GLN A 25 11.44 23.82 -0.22
CA GLN A 25 11.98 22.95 -1.26
C GLN A 25 11.14 21.69 -1.42
N LEU A 26 10.66 21.13 -0.31
CA LEU A 26 9.86 19.91 -0.37
C LEU A 26 8.55 20.15 -1.13
N GLN A 27 7.89 21.28 -0.87
CA GLN A 27 6.64 21.58 -1.56
C GLN A 27 6.88 21.81 -3.05
N LYS A 28 8.05 22.36 -3.40
CA LYS A 28 8.39 22.52 -4.80
C LYS A 28 8.50 21.17 -5.51
N ASP A 29 9.08 20.18 -4.84
CA ASP A 29 9.19 18.85 -5.41
C ASP A 29 7.93 18.02 -5.21
N LYS A 30 7.01 18.44 -4.33
CA LYS A 30 5.76 17.71 -4.19
C LYS A 30 4.92 17.81 -5.45
N GLN A 31 4.86 19.00 -6.05
CA GLN A 31 4.07 19.16 -7.27
C GLN A 31 4.66 18.38 -8.43
N VAL A 32 5.99 18.34 -8.53
CA VAL A 32 6.63 17.60 -9.62
C VAL A 32 6.40 16.10 -9.46
N TYR A 33 6.47 15.60 -8.22
CA TYR A 33 6.28 14.17 -7.99
C TYR A 33 4.89 13.73 -8.40
N ARG A 34 3.87 14.53 -8.09
CA ARG A 34 2.50 14.16 -8.45
C ARG A 34 2.21 14.26 -9.93
N ALA A 35 3.08 14.95 -10.69
CA ALA A 35 2.87 15.15 -12.12
C ALA A 35 3.58 14.11 -12.98
N THR A 36 4.27 13.15 -12.37
CA THR A 36 4.94 12.08 -13.09
C THR A 36 4.34 10.74 -12.67
N HIS A 37 4.03 9.91 -13.65
CA HIS A 37 3.37 8.62 -13.42
C HIS A 37 4.38 7.50 -13.59
N ARG A 38 4.39 6.57 -12.65
CA ARG A 38 5.32 5.45 -12.65
C ARG A 38 4.65 4.22 -13.23
N LEU A 39 5.43 3.43 -13.99
CA LEU A 39 4.89 2.28 -14.71
C LEU A 39 5.90 1.14 -14.60
N LEU A 40 5.60 0.18 -13.72
CA LEU A 40 6.44 -1.01 -13.62
C LEU A 40 6.34 -1.83 -14.90
N LEU A 41 7.49 -2.27 -15.39
CA LEU A 41 7.57 -3.09 -16.60
C LEU A 41 8.14 -4.45 -16.24
N LEU A 42 7.47 -5.52 -16.66
CA LEU A 42 7.99 -6.86 -16.45
C LEU A 42 7.38 -7.79 -17.49
N GLY A 43 8.16 -8.77 -17.90
CA GLY A 43 7.72 -9.75 -18.87
C GLY A 43 8.66 -10.92 -18.91
N ALA A 44 8.65 -11.63 -20.03
CA ALA A 44 9.52 -12.78 -20.23
C ALA A 44 10.89 -12.34 -20.71
N ASP A 45 11.85 -13.28 -20.61
CA ASP A 45 13.22 -12.96 -21.00
C ASP A 45 13.31 -12.61 -22.48
N ASN A 46 12.62 -13.38 -23.34
CA ASN A 46 12.59 -13.12 -24.76
C ASN A 46 11.31 -12.44 -25.21
N SER A 47 10.52 -11.92 -24.27
CA SER A 47 9.28 -11.23 -24.64
C SER A 47 9.56 -10.00 -25.49
N GLY A 48 10.59 -9.24 -25.13
CA GLY A 48 10.92 -8.05 -25.88
C GLY A 48 10.47 -6.79 -25.17
N LYS A 49 10.65 -6.74 -23.85
CA LYS A 49 10.26 -5.55 -23.10
C LYS A 49 11.06 -4.33 -23.52
N SER A 50 12.36 -4.52 -23.79
CA SER A 50 13.18 -3.40 -24.26
C SER A 50 12.79 -2.93 -25.64
N THR A 51 12.13 -3.77 -26.45
CA THR A 51 11.72 -3.37 -27.78
C THR A 51 10.70 -2.25 -27.73
N ILE A 52 9.80 -2.28 -26.74
CA ILE A 52 8.83 -1.20 -26.57
C ILE A 52 9.54 0.11 -26.31
N VAL A 53 10.69 0.08 -25.64
CA VAL A 53 11.48 1.27 -25.38
C VAL A 53 12.09 1.76 -26.68
N LYS A 54 11.55 2.84 -27.23
CA LYS A 54 12.04 3.45 -28.46
C LYS A 54 12.16 4.96 -28.30
N GLN A 55 12.48 5.41 -27.10
CA GLN A 55 12.60 6.84 -26.83
C GLN A 55 13.84 7.43 -27.49
N SER A 201 22.80 -1.61 -13.70
CA SER A 201 22.29 -1.67 -12.33
C SER A 201 21.00 -2.49 -12.27
N GLY A 202 20.37 -2.49 -11.10
CA GLY A 202 19.14 -3.23 -10.91
C GLY A 202 17.95 -2.70 -11.68
N ILE A 203 17.82 -1.37 -11.73
CA ILE A 203 16.67 -0.72 -12.33
C ILE A 203 17.16 0.14 -13.50
N PHE A 204 16.57 -0.08 -14.67
CA PHE A 204 16.85 0.73 -15.85
C PHE A 204 15.66 1.66 -16.09
N GLU A 205 15.89 2.95 -15.91
CA GLU A 205 14.84 3.95 -15.99
C GLU A 205 14.73 4.53 -17.40
N THR A 206 13.50 4.77 -17.84
CA THR A 206 13.26 5.34 -19.17
C THR A 206 12.14 6.36 -19.04
N LYS A 207 12.46 7.64 -19.23
CA LYS A 207 11.50 8.72 -19.11
C LYS A 207 11.13 9.25 -20.48
N PHE A 208 9.84 9.28 -20.77
CA PHE A 208 9.34 9.81 -22.03
C PHE A 208 8.21 10.78 -21.76
N GLN A 209 8.15 11.83 -22.58
CA GLN A 209 7.14 12.88 -22.45
C GLN A 209 6.19 12.77 -23.63
N VAL A 210 4.99 12.26 -23.39
CA VAL A 210 3.97 12.11 -24.42
C VAL A 210 2.81 13.03 -24.08
N ASP A 211 2.46 13.90 -25.03
CA ASP A 211 1.37 14.87 -24.87
C ASP A 211 1.56 15.67 -23.58
N LYS A 212 2.76 16.21 -23.42
CA LYS A 212 3.14 17.12 -22.33
C LYS A 212 2.98 16.50 -20.94
N VAL A 213 2.80 15.18 -20.85
CA VAL A 213 2.70 14.49 -19.57
C VAL A 213 3.96 13.66 -19.39
N ASN A 214 4.67 13.88 -18.29
CA ASN A 214 5.95 13.22 -18.05
C ASN A 214 5.71 11.84 -17.46
N PHE A 215 6.01 10.80 -18.22
CA PHE A 215 5.91 9.44 -17.74
C PHE A 215 7.25 8.95 -17.21
N HIS A 216 7.20 7.91 -16.39
CA HIS A 216 8.38 7.39 -15.69
C HIS A 216 8.29 5.86 -15.73
N MET A 217 8.84 5.26 -16.78
CA MET A 217 8.75 3.83 -16.99
C MET A 217 10.12 3.19 -16.83
N PHE A 218 10.19 2.15 -15.99
CA PHE A 218 11.47 1.53 -15.68
C PHE A 218 11.32 0.02 -15.65
N ASP A 219 12.41 -0.68 -15.95
CA ASP A 219 12.44 -2.14 -15.97
C ASP A 219 13.37 -2.62 -14.88
N VAL A 220 12.97 -3.70 -14.20
CA VAL A 220 13.78 -4.33 -13.18
C VAL A 220 14.35 -5.61 -13.76
N GLY A 221 15.67 -5.65 -13.93
CA GLY A 221 16.30 -6.81 -14.53
C GLY A 221 17.41 -7.41 -13.69
N GLY A 222 18.01 -6.61 -12.81
CA GLY A 222 19.16 -7.06 -12.06
C GLY A 222 18.83 -8.17 -11.09
N GLN A 223 17.67 -8.10 -10.45
CA GLN A 223 17.32 -9.05 -9.40
C GLN A 223 17.06 -10.43 -9.99
N ARG A 224 17.06 -11.43 -9.11
CA ARG A 224 17.01 -12.82 -9.53
C ARG A 224 15.57 -13.22 -9.87
N ASP A 225 15.35 -14.53 -10.01
CA ASP A 225 14.03 -15.03 -10.42
C ASP A 225 12.97 -14.72 -9.37
N GLU A 226 13.30 -14.89 -8.09
CA GLU A 226 12.33 -14.68 -7.02
C GLU A 226 11.84 -13.24 -7.03
N ARG A 227 10.52 -13.06 -6.98
CA ARG A 227 9.93 -11.73 -7.04
C ARG A 227 8.78 -11.55 -6.07
N ARG A 228 8.67 -12.39 -5.05
CA ARG A 228 7.58 -12.28 -4.10
C ARG A 228 7.86 -11.27 -2.99
N LYS A 229 9.04 -10.65 -2.97
CA LYS A 229 9.39 -9.70 -1.92
C LYS A 229 9.63 -8.29 -2.43
N TRP A 230 10.25 -8.13 -3.59
CA TRP A 230 10.56 -6.80 -4.11
C TRP A 230 9.49 -6.28 -5.06
N ILE A 231 8.45 -7.07 -5.34
CA ILE A 231 7.35 -6.57 -6.16
C ILE A 231 6.31 -5.84 -5.34
N GLN A 232 6.29 -6.02 -4.02
CA GLN A 232 5.41 -5.25 -3.16
C GLN A 232 5.80 -3.78 -3.12
N CYS A 233 6.97 -3.42 -3.63
CA CYS A 233 7.43 -2.04 -3.65
C CYS A 233 6.75 -1.24 -4.75
N PHE A 234 6.06 -1.89 -5.68
CA PHE A 234 5.44 -1.22 -6.83
C PHE A 234 3.92 -1.16 -6.71
N ASN A 235 3.37 -0.94 -5.53
CA ASN A 235 1.93 -0.83 -5.39
C ASN A 235 1.43 0.60 -5.56
N ASP A 236 2.33 1.57 -5.74
CA ASP A 236 1.94 2.97 -5.92
C ASP A 236 2.00 3.41 -7.36
N VAL A 237 2.36 2.54 -8.29
CA VAL A 237 2.49 2.91 -9.69
C VAL A 237 1.11 3.08 -10.30
N THR A 238 1.04 3.91 -11.35
CA THR A 238 -0.22 4.14 -12.04
C THR A 238 -0.75 2.85 -12.66
N ALA A 239 0.12 2.09 -13.30
CA ALA A 239 -0.27 0.85 -13.96
C ALA A 239 0.95 -0.04 -14.06
N ILE A 240 0.72 -1.30 -14.43
CA ILE A 240 1.78 -2.28 -14.63
C ILE A 240 1.74 -2.68 -16.10
N ILE A 241 2.85 -2.45 -16.81
CA ILE A 241 2.93 -2.80 -18.23
C ILE A 241 3.44 -4.24 -18.30
N PHE A 242 2.53 -5.17 -18.60
CA PHE A 242 2.87 -6.59 -18.68
C PHE A 242 2.97 -6.98 -20.14
N VAL A 243 4.19 -6.96 -20.67
CA VAL A 243 4.45 -7.35 -22.05
C VAL A 243 4.87 -8.81 -22.07
N VAL A 244 4.19 -9.60 -22.89
CA VAL A 244 4.45 -11.03 -23.00
C VAL A 244 4.34 -11.42 -24.47
N ASP A 245 5.23 -12.31 -24.91
CA ASP A 245 5.20 -12.81 -26.27
C ASP A 245 4.20 -13.96 -26.39
N SER A 246 3.57 -14.06 -27.57
CA SER A 246 2.59 -15.09 -27.83
C SER A 246 3.07 -16.10 -28.86
N SER A 247 4.28 -15.94 -29.38
CA SER A 247 4.77 -16.88 -30.39
C SER A 247 5.07 -18.24 -29.81
N ASP A 248 5.75 -18.30 -28.66
CA ASP A 248 6.15 -19.55 -28.06
C ASP A 248 5.00 -20.06 -27.21
N TYR A 249 4.29 -21.08 -27.71
CA TYR A 249 3.15 -21.61 -26.97
C TYR A 249 3.59 -22.37 -25.73
N ASN A 250 4.78 -22.96 -25.75
CA ASN A 250 5.25 -23.72 -24.60
C ASN A 250 5.48 -22.82 -23.39
N ARG A 251 5.99 -21.60 -23.62
CA ARG A 251 6.25 -20.65 -22.55
C ARG A 251 5.12 -19.65 -22.38
N LEU A 252 3.89 -20.09 -22.63
CA LEU A 252 2.71 -19.26 -22.42
C LEU A 252 1.96 -19.59 -21.14
N GLN A 253 1.86 -20.88 -20.78
CA GLN A 253 1.23 -21.25 -19.52
C GLN A 253 2.03 -20.74 -18.34
N GLU A 254 3.37 -20.71 -18.45
CA GLU A 254 4.17 -20.11 -17.39
C GLU A 254 3.87 -18.63 -17.25
N ALA A 255 3.68 -17.92 -18.36
CA ALA A 255 3.31 -16.51 -18.29
C ALA A 255 1.90 -16.32 -17.74
N LEU A 256 1.00 -17.26 -18.02
CA LEU A 256 -0.37 -17.14 -17.49
C LEU A 256 -0.37 -17.18 -15.97
N ASN A 257 0.44 -18.05 -15.39
CA ASN A 257 0.52 -18.13 -13.93
C ASN A 257 1.07 -16.84 -13.34
N LEU A 258 2.06 -16.24 -14.01
CA LEU A 258 2.64 -15.00 -13.51
C LEU A 258 1.62 -13.87 -13.51
N PHE A 259 0.83 -13.75 -14.58
CA PHE A 259 -0.20 -12.72 -14.63
C PHE A 259 -1.27 -12.98 -13.58
N LYS A 260 -1.67 -14.25 -13.41
CA LYS A 260 -2.63 -14.58 -12.37
C LYS A 260 -2.08 -14.29 -10.99
N SER A 261 -0.79 -14.56 -10.78
CA SER A 261 -0.17 -14.27 -9.48
C SER A 261 -0.14 -12.79 -9.19
N ILE A 262 0.11 -11.96 -10.20
CA ILE A 262 0.08 -10.51 -10.00
C ILE A 262 -1.35 -10.04 -9.71
N TRP A 263 -2.32 -10.64 -10.41
CA TRP A 263 -3.72 -10.21 -10.27
C TRP A 263 -4.22 -10.44 -8.86
N ASN A 264 -4.06 -11.66 -8.33
CA ASN A 264 -4.58 -11.99 -7.01
C ASN A 264 -3.56 -11.76 -5.90
N ASN A 265 -2.94 -10.58 -5.86
CA ASN A 265 -1.96 -10.25 -4.84
C ASN A 265 -2.56 -9.20 -3.90
N ARG A 266 -2.29 -9.36 -2.61
CA ARG A 266 -2.94 -8.51 -1.61
C ARG A 266 -2.60 -7.04 -1.82
N TRP A 267 -1.33 -6.73 -2.08
CA TRP A 267 -0.91 -5.36 -2.25
C TRP A 267 -0.93 -4.90 -3.70
N LEU A 268 -1.18 -5.79 -4.65
CA LEU A 268 -1.29 -5.45 -6.05
C LEU A 268 -2.71 -5.60 -6.58
N ARG A 269 -3.69 -5.79 -5.69
CA ARG A 269 -5.06 -6.02 -6.13
C ARG A 269 -5.71 -4.77 -6.70
N THR A 270 -5.13 -3.60 -6.46
CA THR A 270 -5.67 -2.33 -6.95
C THR A 270 -4.82 -1.72 -8.04
N ILE A 271 -4.03 -2.54 -8.74
CA ILE A 271 -3.12 -2.07 -9.78
C ILE A 271 -3.59 -2.61 -11.12
N SER A 272 -4.00 -1.72 -12.00
CA SER A 272 -4.43 -2.12 -13.34
C SER A 272 -3.23 -2.59 -14.14
N VAL A 273 -3.42 -3.67 -14.91
CA VAL A 273 -2.33 -4.29 -15.66
C VAL A 273 -2.59 -4.06 -17.14
N ILE A 274 -1.73 -3.28 -17.79
CA ILE A 274 -1.82 -3.06 -19.23
C ILE A 274 -1.12 -4.21 -19.92
N LEU A 275 -1.86 -5.01 -20.67
CA LEU A 275 -1.34 -6.22 -21.29
C LEU A 275 -0.86 -5.93 -22.71
N PHE A 276 0.34 -6.38 -23.02
CA PHE A 276 0.91 -6.25 -24.36
C PHE A 276 1.27 -7.63 -24.89
N LEU A 277 0.99 -7.85 -26.17
CA LEU A 277 1.48 -9.02 -26.89
C LEU A 277 2.44 -8.54 -27.96
N ASN A 278 3.67 -9.08 -27.94
CA ASN A 278 4.77 -8.42 -28.64
C ASN A 278 5.33 -9.19 -29.84
N LYS A 279 4.85 -10.40 -30.12
CA LYS A 279 5.42 -11.15 -31.24
C LYS A 279 4.36 -11.59 -32.24
N GLN A 280 3.51 -10.67 -32.68
CA GLN A 280 2.45 -11.03 -33.62
C GLN A 280 3.02 -11.53 -34.94
N ASP A 281 4.15 -10.99 -35.39
CA ASP A 281 4.74 -11.45 -36.64
C ASP A 281 5.10 -12.92 -36.57
N LEU A 282 5.72 -13.35 -35.47
CA LEU A 282 6.05 -14.76 -35.32
C LEU A 282 4.80 -15.60 -35.09
N LEU A 283 3.80 -15.04 -34.41
CA LEU A 283 2.57 -15.78 -34.16
C LEU A 283 1.84 -16.12 -35.46
N ALA A 284 1.78 -15.17 -36.39
CA ALA A 284 1.14 -15.43 -37.68
C ALA A 284 1.91 -16.48 -38.46
N GLU A 285 3.24 -16.41 -38.44
CA GLU A 285 4.05 -17.34 -39.22
C GLU A 285 3.91 -18.78 -38.72
N LYS A 286 3.82 -18.97 -37.39
CA LYS A 286 3.77 -20.32 -36.86
C LYS A 286 2.48 -21.03 -37.23
N VAL A 287 1.34 -20.37 -37.03
CA VAL A 287 0.05 -21.01 -37.29
C VAL A 287 -0.16 -21.23 -38.77
N LEU A 288 0.29 -20.28 -39.61
CA LEU A 288 0.17 -20.45 -41.05
C LEU A 288 1.03 -21.61 -41.55
N ALA A 289 2.23 -21.77 -40.98
CA ALA A 289 3.06 -22.91 -41.33
C ALA A 289 2.40 -24.22 -40.94
N GLY A 290 1.77 -24.26 -39.76
CA GLY A 290 1.02 -25.43 -39.33
C GLY A 290 1.83 -26.54 -38.72
N LYS A 291 3.14 -26.39 -38.61
CA LYS A 291 3.96 -27.43 -37.99
C LYS A 291 3.63 -27.60 -36.51
N SER A 292 3.42 -26.48 -35.81
CA SER A 292 3.13 -26.50 -34.38
C SER A 292 1.65 -26.16 -34.16
N LYS A 293 0.93 -27.05 -33.50
CA LYS A 293 -0.47 -26.87 -33.21
C LYS A 293 -0.65 -26.30 -31.81
N ILE A 294 -1.56 -25.35 -31.67
CA ILE A 294 -1.93 -24.87 -30.33
C ILE A 294 -2.69 -25.94 -29.57
N GLU A 295 -3.30 -26.90 -30.27
CA GLU A 295 -4.16 -27.87 -29.64
C GLU A 295 -3.40 -28.74 -28.64
N ASP A 296 -2.19 -29.17 -29.01
CA ASP A 296 -1.45 -30.10 -28.15
C ASP A 296 -1.05 -29.44 -26.82
N TYR A 297 -0.82 -28.13 -26.83
CA TYR A 297 -0.55 -27.40 -25.59
C TYR A 297 -1.78 -26.79 -24.96
N PHE A 298 -2.81 -26.47 -25.76
CA PHE A 298 -4.05 -25.90 -25.26
C PHE A 298 -5.22 -26.70 -25.81
N PRO A 299 -5.61 -27.79 -25.15
CA PRO A 299 -6.72 -28.61 -25.66
C PRO A 299 -8.04 -27.87 -25.72
N GLU A 300 -8.19 -26.77 -24.99
CA GLU A 300 -9.42 -26.00 -25.00
C GLU A 300 -9.54 -25.10 -26.23
N PHE A 301 -8.59 -25.16 -27.15
CA PHE A 301 -8.66 -24.40 -28.40
C PHE A 301 -9.45 -25.09 -29.48
N ALA A 302 -9.81 -26.37 -29.29
CA ALA A 302 -10.55 -27.10 -30.31
C ALA A 302 -12.01 -26.67 -30.40
N ARG A 303 -12.56 -26.07 -29.34
CA ARG A 303 -13.97 -25.69 -29.27
C ARG A 303 -14.13 -24.18 -29.11
N TYR A 304 -13.22 -23.43 -29.71
CA TYR A 304 -13.23 -21.98 -29.60
C TYR A 304 -13.48 -21.36 -30.97
N THR A 305 -14.35 -20.36 -31.00
CA THR A 305 -14.71 -19.66 -32.22
C THR A 305 -14.31 -18.19 -32.11
N THR A 306 -14.11 -17.57 -33.26
CA THR A 306 -13.75 -16.16 -33.30
C THR A 306 -14.85 -15.32 -32.66
N PRO A 307 -14.53 -14.44 -31.73
CA PRO A 307 -15.57 -13.65 -31.07
C PRO A 307 -16.20 -12.65 -32.02
N GLU A 308 -17.47 -12.31 -31.72
CA GLU A 308 -18.22 -11.40 -32.58
C GLU A 308 -17.65 -9.99 -32.57
N ASP A 309 -16.87 -9.64 -31.54
CA ASP A 309 -16.28 -8.31 -31.44
C ASP A 309 -14.90 -8.23 -32.08
N ALA A 310 -14.47 -9.29 -32.76
CA ALA A 310 -13.15 -9.30 -33.38
C ALA A 310 -13.04 -8.25 -34.47
N THR A 311 -11.84 -7.70 -34.62
CA THR A 311 -11.53 -6.70 -35.64
C THR A 311 -10.27 -7.11 -36.41
N PRO A 312 -10.36 -8.18 -37.21
CA PRO A 312 -9.18 -8.67 -37.91
C PRO A 312 -8.67 -7.65 -38.91
N GLU A 313 -7.35 -7.60 -39.05
CA GLU A 313 -6.72 -6.66 -39.97
C GLU A 313 -6.97 -7.10 -41.41
N PRO A 314 -6.95 -6.16 -42.36
CA PRO A 314 -7.08 -6.53 -43.77
C PRO A 314 -5.96 -7.46 -44.20
N GLY A 315 -6.30 -8.39 -45.09
CA GLY A 315 -5.31 -9.35 -45.56
C GLY A 315 -4.79 -10.28 -44.48
N GLU A 316 -5.68 -10.79 -43.63
CA GLU A 316 -5.31 -11.69 -42.54
C GLU A 316 -6.14 -12.96 -42.61
N ASP A 317 -5.45 -14.09 -42.45
CA ASP A 317 -6.13 -15.38 -42.47
C ASP A 317 -6.99 -15.55 -41.22
N PRO A 318 -8.17 -16.17 -41.35
CA PRO A 318 -8.98 -16.45 -40.17
C PRO A 318 -8.28 -17.34 -39.15
N ARG A 319 -7.35 -18.19 -39.59
CA ARG A 319 -6.60 -19.01 -38.64
C ARG A 319 -5.78 -18.15 -37.69
N VAL A 320 -5.15 -17.09 -38.23
CA VAL A 320 -4.37 -16.19 -37.38
C VAL A 320 -5.27 -15.47 -36.39
N THR A 321 -6.43 -14.98 -36.86
CA THR A 321 -7.32 -14.23 -36.00
C THR A 321 -7.85 -15.10 -34.85
N ARG A 322 -8.19 -16.35 -35.15
CA ARG A 322 -8.60 -17.26 -34.08
C ARG A 322 -7.46 -17.48 -33.09
N ALA A 323 -6.24 -17.62 -33.59
CA ALA A 323 -5.10 -17.80 -32.69
C ALA A 323 -4.82 -16.54 -31.88
N LYS A 324 -4.92 -15.37 -32.50
CA LYS A 324 -4.61 -14.13 -31.79
C LYS A 324 -5.58 -13.91 -30.64
N TYR A 325 -6.88 -14.01 -30.90
CA TYR A 325 -7.87 -13.68 -29.89
C TYR A 325 -8.04 -14.78 -28.86
N PHE A 326 -7.64 -16.01 -29.15
CA PHE A 326 -7.73 -17.06 -28.15
C PHE A 326 -6.79 -16.80 -26.98
N ILE A 327 -5.55 -16.43 -27.29
CA ILE A 327 -4.59 -16.10 -26.23
C ILE A 327 -5.07 -14.90 -25.44
N ARG A 328 -5.60 -13.89 -26.14
CA ARG A 328 -6.12 -12.71 -25.46
C ARG A 328 -7.29 -13.08 -24.54
N ASP A 329 -8.19 -13.93 -25.01
CA ASP A 329 -9.29 -14.38 -24.17
C ASP A 329 -8.85 -15.36 -23.09
N GLU A 330 -7.64 -15.93 -23.23
CA GLU A 330 -7.10 -16.73 -22.14
C GLU A 330 -6.59 -15.86 -21.00
N PHE A 331 -6.00 -14.71 -21.32
CA PHE A 331 -5.57 -13.78 -20.29
C PHE A 331 -6.76 -13.05 -19.66
N LEU A 332 -7.72 -12.63 -20.48
CA LEU A 332 -8.85 -11.86 -19.98
C LEU A 332 -9.71 -12.69 -19.03
N ARG A 333 -9.87 -13.98 -19.33
CA ARG A 333 -10.60 -14.86 -18.42
C ARG A 333 -9.93 -14.91 -17.05
N ILE A 334 -8.61 -14.75 -17.00
CA ILE A 334 -7.92 -14.70 -15.72
C ILE A 334 -8.28 -13.43 -14.97
N SER A 335 -8.28 -12.28 -15.67
CA SER A 335 -8.50 -11.01 -15.00
C SER A 335 -9.95 -10.85 -14.54
N THR A 336 -10.90 -11.16 -15.43
CA THR A 336 -12.30 -10.88 -15.11
C THR A 336 -12.86 -11.83 -14.06
N ALA A 337 -12.19 -12.95 -13.79
CA ALA A 337 -12.66 -13.86 -12.77
C ALA A 337 -12.41 -13.36 -11.36
N SER A 338 -11.56 -12.34 -11.19
CA SER A 338 -11.30 -11.76 -9.88
C SER A 338 -11.19 -10.25 -9.91
N GLY A 339 -11.74 -9.60 -10.95
CA GLY A 339 -11.73 -8.15 -11.02
C GLY A 339 -12.78 -7.53 -10.13
N ASP A 340 -12.36 -6.94 -9.01
CA ASP A 340 -13.27 -6.35 -8.04
C ASP A 340 -13.69 -4.94 -8.43
N GLY A 341 -13.51 -4.55 -9.69
CA GLY A 341 -13.90 -3.24 -10.14
C GLY A 341 -12.88 -2.15 -9.91
N ARG A 342 -11.76 -2.45 -9.27
CA ARG A 342 -10.74 -1.46 -8.96
C ARG A 342 -9.54 -1.51 -9.90
N HIS A 343 -9.21 -2.68 -10.43
CA HIS A 343 -8.08 -2.85 -11.33
C HIS A 343 -8.54 -3.60 -12.56
N TYR A 344 -7.95 -3.27 -13.71
CA TYR A 344 -8.47 -3.75 -14.99
C TYR A 344 -7.31 -4.17 -15.88
N CYS A 345 -7.66 -4.80 -17.00
CA CYS A 345 -6.70 -5.24 -17.99
C CYS A 345 -7.02 -4.58 -19.32
N TYR A 346 -5.99 -4.22 -20.06
CA TYR A 346 -6.13 -3.50 -21.33
C TYR A 346 -5.32 -4.22 -22.40
N PRO A 347 -5.80 -5.37 -22.88
CA PRO A 347 -5.03 -6.17 -23.84
C PRO A 347 -4.75 -5.39 -25.11
N HIS A 348 -3.55 -5.60 -25.66
CA HIS A 348 -3.14 -4.92 -26.88
C HIS A 348 -2.34 -5.89 -27.74
N PHE A 349 -2.33 -5.61 -29.05
CA PHE A 349 -1.55 -6.37 -30.01
C PHE A 349 -0.54 -5.43 -30.65
N THR A 350 0.73 -5.86 -30.70
CA THR A 350 1.76 -5.03 -31.31
C THR A 350 2.91 -5.91 -31.77
N CYS A 351 3.45 -5.60 -32.94
CA CYS A 351 4.64 -6.27 -33.43
C CYS A 351 5.86 -5.49 -32.98
N ALA A 352 7.03 -5.84 -33.50
CA ALA A 352 8.27 -5.19 -33.08
C ALA A 352 8.57 -3.90 -33.85
N VAL A 353 7.71 -3.51 -34.79
CA VAL A 353 8.03 -2.40 -35.68
C VAL A 353 6.97 -1.32 -35.50
N ASP A 354 6.08 -1.51 -34.52
CA ASP A 354 5.05 -0.51 -34.26
C ASP A 354 5.67 0.79 -33.79
N THR A 355 5.09 1.91 -34.24
CA THR A 355 5.61 3.22 -33.89
C THR A 355 4.88 3.84 -32.70
N GLU A 356 3.56 3.66 -32.60
CA GLU A 356 2.78 4.25 -31.53
C GLU A 356 2.56 3.22 -30.42
N ASN A 357 3.66 2.85 -29.77
CA ASN A 357 3.61 2.00 -28.58
C ASN A 357 3.58 2.80 -27.29
N ALA A 358 3.68 4.12 -27.38
CA ALA A 358 3.59 5.00 -26.22
C ALA A 358 2.24 5.69 -26.09
N ARG A 359 1.61 6.04 -27.22
CA ARG A 359 0.28 6.62 -27.17
C ARG A 359 -0.73 5.62 -26.61
N ARG A 360 -0.56 4.33 -26.91
CA ARG A 360 -1.45 3.31 -26.39
C ARG A 360 -1.34 3.14 -24.88
N ILE A 361 -0.32 3.73 -24.26
CA ILE A 361 -0.24 3.79 -22.80
C ILE A 361 -0.80 5.10 -22.28
N PHE A 362 -0.55 6.20 -22.98
CA PHE A 362 -1.11 7.49 -22.57
C PHE A 362 -2.62 7.50 -22.70
N ASN A 363 -3.16 6.87 -23.74
CA ASN A 363 -4.60 6.75 -23.91
C ASN A 363 -5.20 5.70 -22.99
N ASP A 364 -4.39 4.97 -22.25
CA ASP A 364 -4.88 3.99 -21.29
C ASP A 364 -4.59 4.35 -19.84
N CYS A 365 -3.47 4.99 -19.55
CA CYS A 365 -3.27 5.55 -18.22
C CYS A 365 -4.30 6.63 -17.93
N ARG A 366 -4.70 7.39 -18.95
CA ARG A 366 -5.77 8.36 -18.78
C ARG A 366 -7.08 7.67 -18.40
N ASP A 367 -7.41 6.56 -19.07
CA ASP A 367 -8.62 5.83 -18.74
C ASP A 367 -8.55 5.22 -17.35
N ILE A 368 -7.37 4.74 -16.95
CA ILE A 368 -7.23 4.14 -15.63
C ILE A 368 -7.41 5.20 -14.53
N ILE A 369 -6.78 6.36 -14.70
CA ILE A 369 -6.93 7.41 -13.70
C ILE A 369 -8.35 7.95 -13.69
N GLN A 370 -8.95 8.11 -14.88
CA GLN A 370 -10.33 8.61 -14.94
C GLN A 370 -11.30 7.64 -14.27
N ARG A 371 -11.11 6.34 -14.48
CA ARG A 371 -11.94 5.37 -13.77
C ARG A 371 -11.65 5.38 -12.28
N MET A 372 -10.48 5.83 -11.86
CA MET A 372 -10.17 5.92 -10.44
C MET A 372 -10.90 7.09 -9.79
N HIS A 373 -11.03 8.21 -10.51
CA HIS A 373 -11.73 9.36 -9.95
C HIS A 373 -13.22 9.11 -9.83
N LEU A 374 -13.82 8.48 -10.84
CA LEU A 374 -15.24 8.19 -10.78
C LEU A 374 -15.57 7.26 -9.62
N ARG A 375 -14.71 6.28 -9.36
CA ARG A 375 -14.97 5.35 -8.27
C ARG A 375 -14.82 6.00 -6.90
N GLN A 376 -13.88 6.94 -6.76
CA GLN A 376 -13.62 7.57 -5.47
C GLN A 376 -14.54 8.75 -5.18
N TYR A 377 -15.37 9.15 -6.14
CA TYR A 377 -16.40 10.15 -5.92
C TYR A 377 -17.77 9.52 -5.69
N GLU A 378 -17.81 8.19 -5.49
CA GLU A 378 -19.06 7.44 -5.40
C GLU A 378 -19.93 7.69 -6.63
N LEU A 379 -19.26 7.78 -7.79
CA LEU A 379 -19.91 8.19 -9.02
C LEU A 379 -19.86 7.15 -10.12
N LEU A 380 -18.89 6.24 -10.11
CA LEU A 380 -18.80 5.21 -11.14
C LEU A 380 -19.97 4.24 -11.03
N GLN B 12 28.47 -38.53 -7.30
CA GLN B 12 27.18 -39.17 -7.53
C GLN B 12 26.82 -40.09 -6.37
N SER B 13 27.40 -41.29 -6.35
CA SER B 13 27.11 -42.25 -5.30
C SER B 13 27.63 -41.79 -3.95
N GLU B 14 28.75 -41.06 -3.93
CA GLU B 14 29.30 -40.57 -2.66
C GLU B 14 28.37 -39.56 -2.00
N LEU B 15 27.54 -38.88 -2.79
CA LEU B 15 26.61 -37.91 -2.22
C LEU B 15 25.59 -38.57 -1.31
N ASP B 16 25.09 -39.74 -1.70
CA ASP B 16 24.07 -40.42 -0.90
C ASP B 16 24.62 -40.84 0.46
N GLN B 17 25.84 -41.37 0.49
CA GLN B 17 26.43 -41.78 1.76
C GLN B 17 26.64 -40.58 2.69
N LEU B 18 27.13 -39.47 2.15
CA LEU B 18 27.26 -38.26 2.95
C LEU B 18 25.88 -37.75 3.38
N ARG B 19 24.90 -37.79 2.48
CA ARG B 19 23.54 -37.40 2.84
C ARG B 19 22.95 -38.35 3.89
N GLN B 20 23.24 -39.64 3.77
CA GLN B 20 22.76 -40.59 4.76
C GLN B 20 23.34 -40.30 6.13
N GLU B 21 24.63 -40.00 6.20
CA GLU B 21 25.26 -39.70 7.48
C GLU B 21 24.89 -38.30 7.99
N ALA B 22 24.73 -37.34 7.07
CA ALA B 22 24.33 -36.00 7.49
C ALA B 22 22.96 -36.01 8.14
N GLU B 23 22.01 -36.78 7.58
CA GLU B 23 20.70 -36.91 8.19
C GLU B 23 20.79 -37.55 9.58
N GLN B 24 21.62 -38.59 9.71
CA GLN B 24 21.72 -39.29 10.99
C GLN B 24 22.30 -38.40 12.07
N LEU B 25 23.34 -37.62 11.75
CA LEU B 25 23.90 -36.71 12.73
C LEU B 25 22.98 -35.51 12.96
N LYS B 26 22.16 -35.16 11.96
CA LYS B 26 21.14 -34.14 12.17
C LYS B 26 20.11 -34.59 13.19
N ASN B 27 19.77 -35.89 13.17
CA ASN B 27 18.86 -36.43 14.18
C ASN B 27 19.47 -36.32 15.57
N GLN B 28 20.78 -36.50 15.68
CA GLN B 28 21.44 -36.36 16.97
C GLN B 28 21.31 -34.94 17.50
N ILE B 29 21.41 -33.94 16.61
CA ILE B 29 21.15 -32.56 17.02
C ILE B 29 19.73 -32.42 17.53
N ARG B 30 18.76 -33.03 16.84
CA ARG B 30 17.38 -33.04 17.33
C ARG B 30 17.29 -33.74 18.68
N ASP B 31 17.98 -34.88 18.82
CA ASP B 31 18.01 -35.56 20.11
C ASP B 31 18.69 -34.71 21.16
N ALA B 32 19.78 -34.04 20.81
CA ALA B 32 20.44 -33.13 21.75
C ALA B 32 19.51 -31.99 22.14
N ARG B 33 18.78 -31.43 21.16
CA ARG B 33 17.78 -30.41 21.47
C ARG B 33 16.67 -30.98 22.34
N LYS B 34 16.18 -32.19 22.02
CA LYS B 34 15.15 -32.81 22.83
C LYS B 34 15.63 -33.08 24.25
N ALA B 35 16.85 -33.60 24.38
CA ALA B 35 17.40 -33.87 25.71
C ALA B 35 17.58 -32.58 26.50
N CYS B 36 17.90 -31.48 25.83
CA CYS B 36 18.05 -30.19 26.48
C CYS B 36 16.73 -29.45 26.64
N ALA B 37 15.62 -30.02 26.16
CA ALA B 37 14.30 -29.42 26.30
C ALA B 37 13.67 -29.94 27.59
N ASP B 38 13.78 -29.16 28.67
CA ASP B 38 13.19 -29.55 29.94
C ASP B 38 11.69 -29.29 29.96
N ALA B 39 11.31 -28.02 29.83
CA ALA B 39 9.90 -27.63 29.83
C ALA B 39 9.79 -26.28 29.13
N THR B 40 8.56 -25.94 28.74
CA THR B 40 8.33 -24.68 28.03
C THR B 40 8.57 -23.49 28.95
N LEU B 41 8.99 -22.37 28.35
CA LEU B 41 9.19 -21.14 29.11
C LEU B 41 7.88 -20.63 29.69
N SER B 42 6.75 -20.92 29.03
CA SER B 42 5.46 -20.42 29.51
C SER B 42 5.11 -21.02 30.86
N GLN B 43 5.41 -22.31 31.06
CA GLN B 43 5.06 -22.97 32.32
C GLN B 43 5.79 -22.35 33.50
N ILE B 44 7.09 -22.06 33.34
CA ILE B 44 7.88 -21.56 34.46
C ILE B 44 7.60 -20.09 34.76
N THR B 45 6.97 -19.36 33.83
CA THR B 45 6.76 -17.93 33.97
C THR B 45 5.32 -17.57 34.34
N ASN B 46 4.45 -18.56 34.56
CA ASN B 46 3.05 -18.26 34.80
C ASN B 46 2.80 -17.56 36.13
N ASN B 47 3.80 -17.50 37.01
CA ASN B 47 3.64 -16.95 38.35
C ASN B 47 4.03 -15.47 38.44
N ILE B 48 4.36 -14.84 37.33
CA ILE B 48 4.78 -13.44 37.33
C ILE B 48 3.57 -12.56 37.00
N ASP B 49 3.62 -11.32 37.47
CA ASP B 49 2.50 -10.40 37.33
C ASP B 49 2.44 -9.85 35.91
N PRO B 50 1.28 -9.85 35.26
CA PRO B 50 1.19 -9.30 33.91
C PRO B 50 1.38 -7.79 33.91
N VAL B 51 1.85 -7.28 32.77
CA VAL B 51 2.05 -5.84 32.62
C VAL B 51 0.73 -5.09 32.69
N GLY B 52 -0.35 -5.68 32.18
CA GLY B 52 -1.64 -5.01 32.19
C GLY B 52 -2.12 -4.64 30.81
N ARG B 53 -2.67 -3.44 30.66
CA ARG B 53 -3.11 -2.93 29.37
C ARG B 53 -2.41 -1.59 29.15
N ILE B 54 -1.41 -1.57 28.28
CA ILE B 54 -0.60 -0.38 28.08
C ILE B 54 -1.37 0.63 27.25
N GLN B 55 -1.57 1.83 27.80
CA GLN B 55 -2.24 2.92 27.11
C GLN B 55 -1.20 3.68 26.30
N MET B 56 -1.15 3.42 25.00
CA MET B 56 -0.17 4.03 24.11
C MET B 56 -0.90 5.02 23.22
N ARG B 57 -0.39 6.25 23.18
CA ARG B 57 -1.08 7.34 22.49
C ARG B 57 -0.13 8.03 21.54
N THR B 58 -0.70 8.68 20.53
CA THR B 58 0.06 9.40 19.51
C THR B 58 0.56 10.71 20.10
N ARG B 59 1.74 10.65 20.72
CA ARG B 59 2.34 11.85 21.29
C ARG B 59 2.85 12.81 20.23
N ARG B 60 3.25 12.31 19.07
CA ARG B 60 3.74 13.16 18.00
C ARG B 60 3.34 12.55 16.66
N THR B 61 3.32 13.39 15.64
CA THR B 61 3.13 12.93 14.26
C THR B 61 4.09 13.71 13.37
N LEU B 62 4.68 13.02 12.40
CA LEU B 62 5.63 13.62 11.48
C LEU B 62 5.14 13.40 10.06
N ARG B 63 4.83 14.50 9.36
CA ARG B 63 4.22 14.44 8.03
C ARG B 63 4.99 15.36 7.08
N GLY B 64 5.94 14.78 6.35
CA GLY B 64 6.61 15.53 5.30
C GLY B 64 6.92 14.70 4.08
N HIS B 65 6.55 13.42 4.11
CA HIS B 65 6.90 12.50 3.04
C HIS B 65 5.78 12.41 2.02
N LEU B 66 6.15 12.16 0.77
CA LEU B 66 5.18 12.16 -0.32
C LEU B 66 4.63 10.79 -0.65
N ALA B 67 5.27 9.71 -0.18
CA ALA B 67 4.79 8.36 -0.48
C ALA B 67 5.18 7.46 0.69
N LYS B 68 5.13 6.15 0.45
CA LYS B 68 5.28 5.17 1.52
C LYS B 68 6.62 5.33 2.23
N ILE B 69 6.61 5.16 3.54
CA ILE B 69 7.81 5.10 4.35
C ILE B 69 8.13 3.63 4.57
N TYR B 70 9.34 3.21 4.19
CA TYR B 70 9.69 1.80 4.24
C TYR B 70 10.54 1.42 5.43
N ALA B 71 11.37 2.33 5.95
CA ALA B 71 12.16 2.02 7.14
C ALA B 71 12.63 3.32 7.78
N MET B 72 12.93 3.23 9.08
CA MET B 72 13.56 4.33 9.80
C MET B 72 14.48 3.75 10.86
N HIS B 73 15.43 4.57 11.29
CA HIS B 73 16.43 4.16 12.27
C HIS B 73 16.61 5.29 13.27
N TRP B 74 16.41 4.99 14.55
CA TRP B 74 16.58 5.99 15.59
C TRP B 74 18.05 6.30 15.80
N GLY B 75 18.36 7.57 15.99
CA GLY B 75 19.73 7.96 16.22
C GLY B 75 20.24 7.49 17.57
N THR B 76 21.54 7.64 17.78
CA THR B 76 22.16 7.18 19.01
C THR B 76 21.81 8.06 20.21
N ASP B 77 21.32 9.27 19.99
CA ASP B 77 20.97 10.18 21.07
C ASP B 77 19.50 10.12 21.44
N SER B 78 18.74 9.21 20.83
CA SER B 78 17.32 9.02 21.09
C SER B 78 16.49 10.26 20.79
N ARG B 79 17.04 11.22 20.06
CA ARG B 79 16.32 12.42 19.66
C ARG B 79 16.19 12.55 18.15
N LEU B 80 17.29 12.39 17.42
CA LEU B 80 17.29 12.52 15.98
C LEU B 80 16.94 11.19 15.34
N LEU B 81 16.01 11.20 14.40
CA LEU B 81 15.63 10.00 13.66
C LEU B 81 15.70 10.28 12.17
N VAL B 82 15.98 9.23 11.41
CA VAL B 82 16.08 9.30 9.95
C VAL B 82 15.07 8.32 9.35
N SER B 83 14.37 8.77 8.31
CA SER B 83 13.33 7.98 7.68
C SER B 83 13.58 7.90 6.17
N ALA B 84 13.32 6.73 5.60
CA ALA B 84 13.52 6.50 4.17
C ALA B 84 12.17 6.25 3.52
N SER B 85 11.80 7.11 2.58
CA SER B 85 10.54 6.98 1.85
C SER B 85 10.83 6.85 0.36
N GLN B 86 9.98 6.11 -0.34
CA GLN B 86 10.23 5.80 -1.74
C GLN B 86 9.94 6.99 -2.64
N ASP B 87 10.65 8.09 -2.39
CA ASP B 87 10.52 9.31 -3.19
C ASP B 87 11.86 9.91 -3.55
N GLY B 88 12.97 9.28 -3.21
CA GLY B 88 14.27 9.91 -3.36
C GLY B 88 14.63 10.87 -2.26
N LYS B 89 13.85 10.90 -1.17
CA LYS B 89 14.08 11.81 -0.06
C LYS B 89 14.44 11.02 1.19
N LEU B 90 15.55 11.37 1.82
CA LEU B 90 15.96 10.80 3.09
C LEU B 90 15.97 11.94 4.10
N ILE B 91 14.89 12.04 4.86
CA ILE B 91 14.65 13.19 5.73
C ILE B 91 15.06 12.83 7.15
N ILE B 92 15.82 13.72 7.79
CA ILE B 92 16.25 13.54 9.17
C ILE B 92 15.43 14.49 10.02
N TRP B 93 14.57 13.94 10.88
CA TRP B 93 13.70 14.72 11.73
C TRP B 93 14.35 15.00 13.08
N ASP B 94 13.81 16.00 13.76
CA ASP B 94 14.07 16.24 15.18
C ASP B 94 12.79 15.89 15.92
N SER B 95 12.83 14.80 16.69
CA SER B 95 11.61 14.27 17.28
C SER B 95 10.97 15.26 18.25
N TYR B 96 11.79 15.95 19.05
CA TYR B 96 11.24 16.83 20.08
C TYR B 96 10.52 18.02 19.48
N THR B 97 11.09 18.66 18.46
CA THR B 97 10.56 19.89 17.92
C THR B 97 9.93 19.73 16.54
N THR B 98 9.86 18.50 16.02
CA THR B 98 9.14 18.17 14.79
C THR B 98 9.85 18.72 13.56
N ASN B 99 10.89 19.51 13.77
CA ASN B 99 11.65 20.07 12.65
C ASN B 99 12.42 18.99 11.92
N LYS B 100 12.70 19.24 10.64
CA LYS B 100 13.54 18.36 9.83
C LYS B 100 14.90 19.05 9.65
N VAL B 101 15.96 18.41 10.13
CA VAL B 101 17.28 19.00 10.06
C VAL B 101 17.79 19.00 8.62
N HIS B 102 17.63 17.88 7.92
CA HIS B 102 18.11 17.75 6.55
C HIS B 102 17.12 16.94 5.73
N ALA B 103 17.06 17.24 4.44
CA ALA B 103 16.25 16.50 3.47
C ALA B 103 17.20 16.05 2.35
N ILE B 104 17.69 14.82 2.46
CA ILE B 104 18.71 14.31 1.57
C ILE B 104 18.04 13.82 0.29
N PRO B 105 18.39 14.36 -0.87
CA PRO B 105 17.81 13.86 -2.13
C PRO B 105 18.58 12.68 -2.69
N LEU B 106 17.91 11.53 -2.82
CA LEU B 106 18.57 10.34 -3.31
C LEU B 106 18.64 10.35 -4.84
N ARG B 107 19.47 9.46 -5.37
CA ARG B 107 19.55 9.28 -6.82
C ARG B 107 18.47 8.33 -7.31
N SER B 108 18.33 7.17 -6.66
CA SER B 108 17.34 6.17 -7.01
C SER B 108 16.17 6.28 -6.04
N SER B 109 14.97 6.45 -6.58
CA SER B 109 13.80 6.67 -5.73
C SER B 109 13.49 5.46 -4.87
N TRP B 110 13.65 4.25 -5.40
CA TRP B 110 13.24 3.04 -4.70
C TRP B 110 14.29 2.69 -3.65
N VAL B 111 14.07 3.19 -2.44
CA VAL B 111 14.94 2.90 -1.29
C VAL B 111 14.18 1.98 -0.35
N MET B 112 14.86 0.96 0.15
CA MET B 112 14.21 -0.06 0.97
C MET B 112 14.80 -0.19 2.37
N THR B 113 15.77 0.65 2.73
CA THR B 113 16.39 0.53 4.04
C THR B 113 17.08 1.84 4.38
N CYS B 114 17.38 2.01 5.67
CA CYS B 114 18.10 3.19 6.14
C CYS B 114 18.76 2.88 7.47
N ALA B 115 19.78 3.67 7.81
CA ALA B 115 20.53 3.45 9.04
C ALA B 115 21.17 4.76 9.49
N TYR B 116 21.31 4.90 10.81
CA TYR B 116 21.89 6.08 11.42
C TYR B 116 23.14 5.67 12.20
N ALA B 117 24.21 6.44 12.04
CA ALA B 117 25.48 6.08 12.64
C ALA B 117 25.42 6.19 14.15
N PRO B 118 25.99 5.23 14.88
CA PRO B 118 26.12 5.38 16.33
C PRO B 118 26.97 6.56 16.76
N SER B 119 27.80 7.10 15.87
CA SER B 119 28.50 8.34 16.12
C SER B 119 27.67 9.56 15.73
N GLY B 120 26.53 9.35 15.09
CA GLY B 120 25.66 10.45 14.73
C GLY B 120 26.17 11.34 13.62
N ASN B 121 27.05 10.85 12.76
CA ASN B 121 27.62 11.63 11.68
C ASN B 121 27.24 11.14 10.29
N TYR B 122 27.06 9.83 10.10
CA TYR B 122 26.79 9.27 8.79
C TYR B 122 25.40 8.65 8.74
N VAL B 123 24.79 8.71 7.57
CA VAL B 123 23.50 8.07 7.30
C VAL B 123 23.61 7.33 5.97
N ALA B 124 23.10 6.11 5.94
CA ALA B 124 23.24 5.25 4.76
C ALA B 124 21.89 4.66 4.38
N CYS B 125 21.71 4.46 3.08
CA CYS B 125 20.47 3.93 2.54
C CYS B 125 20.74 3.37 1.15
N GLY B 126 19.72 2.76 0.57
CA GLY B 126 19.82 2.18 -0.77
C GLY B 126 19.04 0.90 -0.89
N GLY B 127 18.17 0.82 -1.90
CA GLY B 127 17.28 -0.31 -2.02
C GLY B 127 17.47 -1.15 -3.28
N LEU B 128 16.50 -1.06 -4.18
CA LEU B 128 16.47 -1.88 -5.38
C LEU B 128 17.59 -1.57 -6.35
N ASP B 129 18.28 -0.45 -6.19
CA ASP B 129 19.34 -0.05 -7.11
C ASP B 129 20.64 -0.81 -6.89
N ASN B 130 20.66 -1.77 -5.96
CA ASN B 130 21.79 -2.63 -5.66
C ASN B 130 22.98 -1.88 -5.06
N ILE B 131 22.79 -0.65 -4.62
CA ILE B 131 23.87 0.22 -4.16
C ILE B 131 23.56 0.69 -2.75
N CYS B 132 24.51 0.51 -1.84
CA CYS B 132 24.35 0.93 -0.45
C CYS B 132 25.09 2.25 -0.25
N SER B 133 24.48 3.33 -0.71
CA SER B 133 25.10 4.65 -0.61
C SER B 133 25.20 5.08 0.85
N ILE B 134 26.23 5.85 1.15
CA ILE B 134 26.47 6.38 2.49
C ILE B 134 26.64 7.89 2.39
N TYR B 135 25.86 8.63 3.18
CA TYR B 135 25.83 10.09 3.11
C TYR B 135 26.51 10.68 4.34
N ASN B 136 27.31 11.71 4.11
CA ASN B 136 28.01 12.43 5.16
C ASN B 136 27.21 13.66 5.56
N LEU B 137 27.00 13.84 6.85
CA LEU B 137 26.15 14.92 7.35
C LEU B 137 26.95 16.17 7.72
N LYS B 138 27.87 16.06 8.67
CA LYS B 138 28.62 17.20 9.17
C LYS B 138 29.79 17.44 8.22
N THR B 139 29.59 18.35 7.27
CA THR B 139 30.60 18.70 6.28
C THR B 139 30.97 20.16 6.40
N ARG B 140 32.20 20.48 5.98
CA ARG B 140 32.68 21.85 6.01
C ARG B 140 32.20 22.68 4.84
N GLU B 141 31.63 22.05 3.81
CA GLU B 141 31.13 22.77 2.64
C GLU B 141 29.75 23.36 2.84
N GLY B 142 29.07 23.04 3.94
CA GLY B 142 27.74 23.54 4.19
C GLY B 142 26.62 22.75 3.54
N ASN B 143 26.94 21.68 2.82
CA ASN B 143 25.96 20.84 2.16
C ASN B 143 26.12 19.40 2.62
N VAL B 144 25.19 18.55 2.20
CA VAL B 144 25.21 17.13 2.49
C VAL B 144 25.53 16.38 1.20
N ARG B 145 26.59 15.59 1.22
CA ARG B 145 27.09 14.90 0.05
C ARG B 145 27.12 13.39 0.31
N VAL B 146 27.58 12.65 -0.68
CA VAL B 146 27.74 11.20 -0.58
C VAL B 146 29.20 10.88 -0.33
N SER B 147 29.47 10.02 0.64
CA SER B 147 30.84 9.68 1.00
C SER B 147 31.34 8.44 0.28
N ARG B 148 30.48 7.44 0.09
CA ARG B 148 30.88 6.22 -0.58
C ARG B 148 29.68 5.64 -1.32
N GLU B 149 29.97 4.79 -2.30
CA GLU B 149 28.95 4.13 -3.11
C GLU B 149 29.33 2.66 -3.16
N LEU B 150 28.84 1.89 -2.19
CA LEU B 150 29.21 0.49 -2.08
C LEU B 150 28.37 -0.34 -3.05
N ALA B 151 29.00 -0.83 -4.11
CA ALA B 151 28.31 -1.57 -5.17
C ALA B 151 29.05 -2.89 -5.42
N GLY B 152 28.60 -3.93 -4.73
CA GLY B 152 29.19 -5.25 -4.92
C GLY B 152 28.18 -6.37 -4.80
N HIS B 153 26.90 -6.03 -4.74
CA HIS B 153 25.84 -7.00 -4.57
C HIS B 153 25.12 -7.23 -5.89
N THR B 154 24.53 -8.42 -6.02
CA THR B 154 23.70 -8.78 -7.17
C THR B 154 22.35 -9.22 -6.64
N GLY B 155 21.47 -8.26 -6.42
CA GLY B 155 20.17 -8.51 -5.84
C GLY B 155 19.76 -7.36 -4.95
N TYR B 156 18.45 -7.18 -4.82
CA TYR B 156 17.92 -6.02 -4.12
C TYR B 156 18.44 -5.96 -2.69
N LEU B 157 18.79 -4.76 -2.24
CA LEU B 157 19.43 -4.56 -0.95
C LEU B 157 18.35 -4.24 0.07
N SER B 158 18.26 -5.06 1.12
CA SER B 158 17.10 -5.08 1.98
C SER B 158 17.30 -4.38 3.32
N CYS B 159 18.44 -4.55 3.98
CA CYS B 159 18.65 -3.91 5.26
C CYS B 159 20.14 -3.77 5.54
N CYS B 160 20.50 -2.71 6.26
CA CYS B 160 21.90 -2.45 6.58
C CYS B 160 21.97 -1.64 7.87
N ARG B 161 22.79 -2.11 8.80
CA ARG B 161 22.97 -1.44 10.09
C ARG B 161 24.46 -1.18 10.30
N PHE B 162 24.81 0.04 10.68
CA PHE B 162 26.21 0.32 11.00
C PHE B 162 26.67 -0.46 12.23
N LEU B 163 27.95 -0.81 12.22
CA LEU B 163 28.65 -1.36 13.37
C LEU B 163 29.65 -0.38 13.95
N ASP B 164 30.32 0.38 13.08
CA ASP B 164 31.21 1.46 13.46
C ASP B 164 30.99 2.59 12.47
N ASP B 165 31.90 3.56 12.43
CA ASP B 165 31.86 4.57 11.39
C ASP B 165 32.43 4.07 10.07
N ASN B 166 32.99 2.86 10.04
CA ASN B 166 33.57 2.28 8.84
C ASN B 166 33.22 0.81 8.65
N GLN B 167 32.27 0.28 9.42
CA GLN B 167 32.01 -1.16 9.47
C GLN B 167 30.54 -1.44 9.19
N ILE B 168 30.00 -0.83 8.14
CA ILE B 168 28.61 -1.07 7.77
C ILE B 168 28.43 -2.52 7.35
N VAL B 169 27.40 -3.17 7.87
CA VAL B 169 27.08 -4.54 7.53
C VAL B 169 25.80 -4.53 6.71
N THR B 170 25.84 -5.12 5.52
CA THR B 170 24.75 -5.05 4.56
C THR B 170 24.20 -6.42 4.25
N SER B 171 22.87 -6.53 4.25
CA SER B 171 22.18 -7.76 3.88
C SER B 171 21.29 -7.48 2.68
N SER B 172 21.41 -8.31 1.65
CA SER B 172 20.70 -8.08 0.40
C SER B 172 19.89 -9.30 -0.02
N GLY B 173 19.38 -9.28 -1.25
CA GLY B 173 18.55 -10.35 -1.77
C GLY B 173 19.28 -11.44 -2.52
N ASP B 174 20.61 -11.48 -2.48
CA ASP B 174 21.38 -12.52 -3.16
C ASP B 174 21.78 -13.64 -2.21
N THR B 175 20.95 -13.93 -1.22
CA THR B 175 21.13 -14.99 -0.23
C THR B 175 22.40 -14.81 0.60
N THR B 176 23.05 -13.64 0.53
CA THR B 176 24.33 -13.42 1.20
C THR B 176 24.31 -12.11 1.95
N CYS B 177 25.13 -12.04 3.00
CA CYS B 177 25.37 -10.82 3.75
C CYS B 177 26.84 -10.45 3.65
N ALA B 178 27.11 -9.15 3.67
CA ALA B 178 28.47 -8.64 3.50
C ALA B 178 28.81 -7.68 4.63
N LEU B 179 30.09 -7.61 4.96
CA LEU B 179 30.62 -6.70 5.96
C LEU B 179 31.52 -5.71 5.23
N TRP B 180 30.95 -4.59 4.82
CA TRP B 180 31.69 -3.63 4.00
C TRP B 180 32.73 -2.88 4.83
N ASP B 181 33.63 -2.20 4.12
CA ASP B 181 34.60 -1.30 4.74
C ASP B 181 34.47 0.05 4.03
N ILE B 182 33.99 1.05 4.77
CA ILE B 182 33.67 2.34 4.16
C ILE B 182 34.93 3.03 3.65
N GLU B 183 36.08 2.76 4.28
CA GLU B 183 37.31 3.48 3.94
C GLU B 183 37.70 3.26 2.48
N THR B 184 37.61 2.02 2.01
CA THR B 184 37.99 1.71 0.64
C THR B 184 36.84 1.21 -0.22
N GLY B 185 35.79 0.65 0.38
CA GLY B 185 34.61 0.26 -0.36
C GLY B 185 34.55 -1.19 -0.79
N GLN B 186 35.48 -2.02 -0.35
CA GLN B 186 35.51 -3.43 -0.74
C GLN B 186 34.94 -4.28 0.39
N GLN B 187 34.33 -5.41 0.02
CA GLN B 187 33.77 -6.33 0.99
C GLN B 187 34.90 -7.10 1.67
N THR B 188 35.13 -6.85 2.94
CA THR B 188 36.16 -7.59 3.67
C THR B 188 35.69 -8.97 4.12
N THR B 189 34.40 -9.25 4.05
CA THR B 189 33.86 -10.56 4.40
C THR B 189 32.50 -10.70 3.74
N THR B 190 32.22 -11.90 3.25
CA THR B 190 30.92 -12.21 2.64
C THR B 190 30.41 -13.52 3.21
N PHE B 191 29.24 -13.48 3.83
CA PHE B 191 28.63 -14.64 4.46
C PHE B 191 27.68 -15.32 3.50
N THR B 192 27.82 -16.64 3.37
CA THR B 192 26.97 -17.42 2.49
C THR B 192 26.38 -18.60 3.25
N GLY B 193 25.27 -19.12 2.73
CA GLY B 193 24.62 -20.26 3.36
C GLY B 193 23.11 -20.22 3.27
N HIS B 194 22.55 -19.05 3.05
CA HIS B 194 21.10 -18.94 2.90
C HIS B 194 20.67 -19.45 1.53
N THR B 195 19.41 -19.87 1.45
CA THR B 195 18.84 -20.38 0.21
C THR B 195 17.92 -19.39 -0.49
N GLY B 196 17.36 -18.42 0.24
CA GLY B 196 16.48 -17.44 -0.37
C GLY B 196 16.82 -16.02 -0.02
N ASP B 197 15.91 -15.09 -0.33
CA ASP B 197 16.14 -13.68 -0.04
C ASP B 197 16.36 -13.47 1.45
N VAL B 198 17.28 -12.58 1.79
CA VAL B 198 17.55 -12.20 3.17
C VAL B 198 17.00 -10.81 3.38
N MET B 199 16.01 -10.68 4.28
CA MET B 199 15.25 -9.44 4.40
C MET B 199 15.80 -8.49 5.46
N SER B 200 15.85 -8.93 6.71
CA SER B 200 16.24 -8.04 7.79
C SER B 200 17.30 -8.70 8.66
N LEU B 201 18.12 -7.85 9.28
CA LEU B 201 19.18 -8.30 10.17
C LEU B 201 19.32 -7.30 11.30
N SER B 202 19.80 -7.78 12.44
CA SER B 202 20.00 -6.96 13.63
C SER B 202 21.38 -7.22 14.18
N LEU B 203 22.06 -6.17 14.62
CA LEU B 203 23.35 -6.31 15.25
C LEU B 203 23.19 -6.49 16.76
N ALA B 204 24.14 -7.19 17.36
CA ALA B 204 24.13 -7.42 18.79
C ALA B 204 24.53 -6.14 19.53
N PRO B 205 24.12 -6.01 20.81
CA PRO B 205 24.54 -4.83 21.57
C PRO B 205 26.04 -4.66 21.68
N ASP B 206 26.79 -5.75 21.75
CA ASP B 206 28.24 -5.68 21.74
C ASP B 206 28.82 -5.70 20.33
N THR B 207 27.99 -5.90 19.31
CA THR B 207 28.39 -5.89 17.90
C THR B 207 29.51 -6.89 17.60
N ARG B 208 29.53 -8.01 18.32
CA ARG B 208 30.51 -9.06 18.06
C ARG B 208 29.95 -10.18 17.19
N LEU B 209 28.64 -10.26 17.02
CA LEU B 209 28.02 -11.28 16.19
C LEU B 209 26.56 -10.91 15.97
N PHE B 210 26.09 -11.04 14.74
CA PHE B 210 24.74 -10.62 14.38
C PHE B 210 23.98 -11.79 13.75
N VAL B 211 22.69 -11.56 13.52
CA VAL B 211 21.79 -12.55 12.93
C VAL B 211 21.12 -11.96 11.71
N SER B 212 20.66 -12.85 10.83
CA SER B 212 20.00 -12.45 9.60
C SER B 212 18.79 -13.35 9.37
N GLY B 213 17.66 -12.74 9.01
CA GLY B 213 16.46 -13.49 8.67
C GLY B 213 16.29 -13.56 7.16
N ALA B 214 16.03 -14.77 6.68
CA ALA B 214 15.98 -15.03 5.25
C ALA B 214 14.59 -15.52 4.84
N CYS B 215 14.33 -15.45 3.53
CA CYS B 215 13.06 -15.91 2.99
C CYS B 215 13.08 -17.41 2.75
N ASP B 216 13.47 -18.18 3.76
CA ASP B 216 13.39 -19.63 3.70
C ASP B 216 12.98 -20.25 5.02
N ALA B 217 12.35 -19.48 5.90
CA ALA B 217 11.95 -19.93 7.24
C ALA B 217 13.16 -20.43 8.02
N SER B 218 14.21 -19.63 8.04
CA SER B 218 15.41 -19.96 8.80
C SER B 218 16.15 -18.69 9.16
N ALA B 219 16.67 -18.66 10.39
CA ALA B 219 17.50 -17.56 10.87
C ALA B 219 18.85 -18.11 11.29
N LYS B 220 19.91 -17.45 10.84
CA LYS B 220 21.27 -17.90 11.08
C LYS B 220 22.01 -16.88 11.94
N LEU B 221 22.99 -17.37 12.70
CA LEU B 221 23.83 -16.55 13.54
C LEU B 221 25.20 -16.41 12.88
N TRP B 222 25.57 -15.17 12.55
CA TRP B 222 26.82 -14.88 11.86
C TRP B 222 27.84 -14.30 12.82
N ASP B 223 29.11 -14.41 12.44
CA ASP B 223 30.21 -13.81 13.19
C ASP B 223 30.86 -12.74 12.32
N VAL B 224 31.00 -11.54 12.88
CA VAL B 224 31.48 -10.41 12.10
C VAL B 224 32.95 -10.59 11.72
N ARG B 225 33.75 -11.14 12.64
CA ARG B 225 35.18 -11.26 12.39
C ARG B 225 35.55 -12.58 11.72
N GLU B 226 35.13 -13.70 12.32
CA GLU B 226 35.48 -15.01 11.76
C GLU B 226 34.86 -15.21 10.38
N GLY B 227 33.60 -14.83 10.21
CA GLY B 227 32.99 -14.79 8.90
C GLY B 227 32.31 -16.06 8.42
N MET B 228 31.96 -16.98 9.30
CA MET B 228 31.25 -18.18 8.91
C MET B 228 30.01 -18.36 9.77
N CYS B 229 29.04 -19.10 9.24
CA CYS B 229 27.82 -19.37 9.99
C CYS B 229 28.12 -20.13 11.26
N ARG B 230 27.48 -19.71 12.35
CA ARG B 230 27.68 -20.33 13.66
C ARG B 230 26.52 -21.20 14.08
N GLN B 231 25.30 -20.65 14.10
CA GLN B 231 24.11 -21.39 14.49
C GLN B 231 23.01 -21.17 13.46
N THR B 232 22.12 -22.14 13.34
CA THR B 232 20.98 -22.06 12.44
C THR B 232 19.71 -22.32 13.22
N PHE B 233 18.68 -21.52 12.93
CA PHE B 233 17.39 -21.60 13.62
C PHE B 233 16.30 -21.71 12.58
N THR B 234 15.55 -22.81 12.60
CA THR B 234 14.47 -23.03 11.64
C THR B 234 13.30 -23.68 12.37
N GLY B 235 12.28 -22.87 12.67
CA GLY B 235 11.05 -23.38 13.24
C GLY B 235 9.85 -22.61 12.76
N HIS B 236 10.05 -21.83 11.70
CA HIS B 236 9.03 -20.91 11.20
C HIS B 236 8.31 -21.54 10.02
N GLU B 237 7.47 -20.76 9.35
CA GLU B 237 6.56 -21.31 8.35
C GLU B 237 6.72 -20.68 6.98
N SER B 238 7.22 -19.45 6.87
CA SER B 238 7.24 -18.70 5.63
C SER B 238 8.45 -17.78 5.68
N ASP B 239 8.40 -16.71 4.88
CA ASP B 239 9.48 -15.72 4.84
C ASP B 239 9.75 -15.15 6.23
N ILE B 240 10.85 -14.43 6.39
CA ILE B 240 11.20 -13.81 7.67
C ILE B 240 11.32 -12.31 7.39
N ASN B 241 10.31 -11.54 7.79
CA ASN B 241 10.27 -10.14 7.41
C ASN B 241 11.03 -9.24 8.37
N ALA B 242 11.22 -9.65 9.62
CA ALA B 242 11.93 -8.80 10.57
C ALA B 242 12.52 -9.65 11.68
N ILE B 243 13.49 -9.06 12.38
CA ILE B 243 14.26 -9.77 13.39
C ILE B 243 15.02 -8.75 14.23
N CYS B 244 15.17 -9.05 15.52
CA CYS B 244 15.92 -8.17 16.42
C CYS B 244 16.31 -8.95 17.66
N PHE B 245 17.46 -8.58 18.24
CA PHE B 245 17.91 -9.21 19.47
C PHE B 245 17.14 -8.74 20.69
N PHE B 246 17.03 -9.64 21.66
CA PHE B 246 16.71 -9.27 23.01
C PHE B 246 17.80 -8.36 23.56
N PRO B 247 17.43 -7.37 24.40
CA PRO B 247 18.45 -6.43 24.89
C PRO B 247 19.58 -7.10 25.66
N ASN B 248 19.36 -8.28 26.25
CA ASN B 248 20.45 -9.01 26.89
C ASN B 248 21.55 -9.37 25.91
N GLY B 249 21.24 -9.47 24.62
CA GLY B 249 22.21 -9.87 23.63
C GLY B 249 22.38 -11.37 23.47
N ASN B 250 21.67 -12.17 24.26
CA ASN B 250 21.75 -13.62 24.18
C ASN B 250 20.41 -14.23 23.79
N ALA B 251 19.57 -13.47 23.09
CA ALA B 251 18.30 -13.97 22.61
C ALA B 251 17.79 -13.03 21.53
N PHE B 252 16.87 -13.54 20.70
CA PHE B 252 16.27 -12.73 19.66
C PHE B 252 14.93 -13.33 19.27
N ALA B 253 14.01 -12.47 18.86
CA ALA B 253 12.69 -12.87 18.43
C ALA B 253 12.41 -12.30 17.05
N THR B 254 11.83 -13.11 16.18
CA THR B 254 11.61 -12.74 14.79
C THR B 254 10.16 -12.94 14.40
N GLY B 255 9.71 -12.17 13.42
CA GLY B 255 8.36 -12.23 12.90
C GLY B 255 8.37 -12.66 11.45
N SER B 256 7.52 -13.65 11.14
CA SER B 256 7.43 -14.20 9.81
C SER B 256 6.21 -13.66 9.09
N ASP B 257 5.95 -14.18 7.89
CA ASP B 257 4.80 -13.78 7.09
C ASP B 257 3.59 -14.68 7.31
N ASP B 258 3.65 -15.57 8.29
CA ASP B 258 2.54 -16.45 8.63
C ASP B 258 1.75 -15.95 9.84
N ALA B 259 1.94 -14.68 10.22
CA ALA B 259 1.29 -14.10 11.40
C ALA B 259 1.65 -14.87 12.67
N THR B 260 2.95 -15.08 12.88
CA THR B 260 3.41 -15.85 14.03
C THR B 260 4.83 -15.39 14.39
N CYS B 261 4.95 -14.61 15.45
CA CYS B 261 6.25 -14.26 16.00
C CYS B 261 6.77 -15.39 16.89
N ARG B 262 8.07 -15.63 16.82
CA ARG B 262 8.72 -16.63 17.66
C ARG B 262 9.96 -16.03 18.29
N LEU B 263 10.28 -16.49 19.50
CA LEU B 263 11.44 -16.04 20.24
C LEU B 263 12.43 -17.19 20.36
N PHE B 264 13.67 -16.96 19.96
CA PHE B 264 14.72 -17.96 19.99
C PHE B 264 15.79 -17.59 21.01
N ASP B 265 16.39 -18.61 21.61
CA ASP B 265 17.47 -18.44 22.58
C ASP B 265 18.72 -19.08 22.02
N LEU B 266 19.81 -18.29 21.96
CA LEU B 266 21.05 -18.78 21.35
C LEU B 266 21.64 -19.95 22.14
N ARG B 267 21.72 -19.81 23.46
CA ARG B 267 22.30 -20.87 24.27
C ARG B 267 21.47 -22.14 24.22
N ALA B 268 20.14 -22.00 24.26
CA ALA B 268 19.26 -23.16 24.22
C ALA B 268 19.18 -23.80 22.85
N ASP B 269 19.37 -23.03 21.78
CA ASP B 269 19.31 -23.53 20.40
C ASP B 269 17.96 -24.19 20.12
N GLN B 270 16.89 -23.51 20.52
CA GLN B 270 15.53 -24.04 20.38
C GLN B 270 14.61 -22.87 20.04
N GLU B 271 13.30 -23.13 20.05
CA GLU B 271 12.28 -22.11 19.94
C GLU B 271 11.55 -22.00 21.28
N LEU B 272 11.48 -20.79 21.82
CA LEU B 272 10.95 -20.61 23.17
C LEU B 272 9.44 -20.42 23.19
N MET B 273 8.95 -19.36 22.56
CA MET B 273 7.54 -19.03 22.59
C MET B 273 7.01 -18.81 21.17
N THR B 274 5.71 -19.02 21.02
CA THR B 274 5.02 -18.85 19.74
C THR B 274 4.01 -17.72 19.92
N TYR B 275 4.40 -16.52 19.52
CA TYR B 275 3.55 -15.34 19.68
C TYR B 275 2.53 -15.34 18.56
N SER B 276 1.48 -16.15 18.73
CA SER B 276 0.45 -16.29 17.72
C SER B 276 -0.91 -16.10 18.35
N HIS B 277 -1.84 -15.57 17.57
CA HIS B 277 -3.21 -15.38 17.99
C HIS B 277 -4.11 -16.13 17.01
N ASP B 278 -5.19 -16.71 17.53
CA ASP B 278 -6.07 -17.54 16.72
C ASP B 278 -6.84 -16.74 15.68
N ASN B 279 -6.81 -15.42 15.75
CA ASN B 279 -7.56 -14.56 14.83
C ASN B 279 -6.66 -13.97 13.75
N ILE B 280 -5.45 -13.55 14.10
CA ILE B 280 -4.59 -12.84 13.16
C ILE B 280 -4.20 -13.75 12.01
N ILE B 281 -4.32 -13.23 10.79
CA ILE B 281 -3.89 -13.95 9.59
C ILE B 281 -3.03 -13.03 8.74
N CYS B 282 -2.56 -11.95 9.33
CA CYS B 282 -1.71 -10.98 8.64
C CYS B 282 -0.29 -11.06 9.18
N GLY B 283 0.67 -11.18 8.27
CA GLY B 283 2.05 -11.43 8.69
C GLY B 283 2.67 -10.25 9.38
N ILE B 284 3.78 -10.53 10.08
CA ILE B 284 4.52 -9.49 10.79
C ILE B 284 5.51 -8.83 9.84
N THR B 285 5.63 -7.51 9.93
CA THR B 285 6.56 -6.78 9.10
C THR B 285 7.64 -6.05 9.89
N SER B 286 7.56 -6.01 11.21
CA SER B 286 8.61 -5.37 12.01
C SER B 286 8.50 -5.87 13.44
N VAL B 287 9.65 -6.10 14.07
CA VAL B 287 9.74 -6.53 15.45
C VAL B 287 10.83 -5.71 16.14
N SER B 288 10.54 -5.24 17.34
CA SER B 288 11.54 -4.59 18.16
C SER B 288 11.17 -4.77 19.62
N PHE B 289 12.15 -4.60 20.49
CA PHE B 289 11.97 -4.77 21.92
C PHE B 289 12.02 -3.42 22.62
N SER B 290 11.58 -3.42 23.88
CA SER B 290 11.75 -2.27 24.75
C SER B 290 13.13 -2.31 25.40
N LYS B 291 13.42 -1.30 26.21
CA LYS B 291 14.73 -1.23 26.86
C LYS B 291 14.95 -2.37 27.84
N SER B 292 13.88 -2.92 28.43
CA SER B 292 13.99 -4.06 29.32
C SER B 292 13.66 -5.39 28.65
N GLY B 293 13.16 -5.37 27.43
CA GLY B 293 12.79 -6.58 26.73
C GLY B 293 11.43 -7.14 27.09
N ARG B 294 10.69 -6.47 27.98
CA ARG B 294 9.37 -6.99 28.36
C ARG B 294 8.34 -6.78 27.26
N LEU B 295 8.39 -5.65 26.58
CA LEU B 295 7.41 -5.32 25.56
C LEU B 295 7.99 -5.61 24.18
N LEU B 296 7.37 -6.56 23.48
CA LEU B 296 7.73 -6.90 22.10
C LEU B 296 6.71 -6.21 21.19
N LEU B 297 7.12 -5.13 20.55
CA LEU B 297 6.23 -4.35 19.71
C LEU B 297 6.36 -4.85 18.27
N ALA B 298 5.34 -5.57 17.80
CA ALA B 298 5.38 -6.23 16.50
C ALA B 298 4.35 -5.60 15.58
N GLY B 299 4.80 -5.10 14.43
CA GLY B 299 3.88 -4.59 13.43
C GLY B 299 3.18 -5.70 12.68
N TYR B 300 2.09 -5.34 12.00
CA TYR B 300 1.27 -6.31 11.29
C TYR B 300 0.77 -5.70 9.98
N ASP B 301 0.26 -6.57 9.11
CA ASP B 301 -0.38 -6.13 7.88
C ASP B 301 -1.84 -5.75 8.06
N ASP B 302 -2.43 -5.98 9.24
CA ASP B 302 -3.83 -5.66 9.46
C ASP B 302 -4.04 -4.19 9.82
N PHE B 303 -3.10 -3.34 9.43
CA PHE B 303 -3.13 -1.89 9.46
C PHE B 303 -2.77 -1.31 10.83
N ASN B 304 -2.53 -2.14 11.85
CA ASN B 304 -2.21 -1.63 13.17
C ASN B 304 -1.14 -2.49 13.82
N CYS B 305 -0.46 -1.91 14.80
CA CYS B 305 0.65 -2.57 15.48
C CYS B 305 0.12 -3.45 16.61
N ASN B 306 1.01 -3.90 17.48
CA ASN B 306 0.66 -4.68 18.65
C ASN B 306 1.74 -4.48 19.70
N VAL B 307 1.41 -4.86 20.94
CA VAL B 307 2.36 -4.86 22.04
C VAL B 307 2.27 -6.23 22.70
N TRP B 308 3.29 -7.05 22.53
CA TRP B 308 3.25 -8.44 22.97
C TRP B 308 4.05 -8.57 24.26
N ASP B 309 3.41 -9.10 25.30
CA ASP B 309 4.12 -9.40 26.54
C ASP B 309 5.12 -10.51 26.28
N ALA B 310 6.41 -10.16 26.27
CA ALA B 310 7.45 -11.09 25.85
C ALA B 310 7.60 -12.30 26.75
N LEU B 311 7.07 -12.25 27.97
CA LEU B 311 7.22 -13.36 28.91
C LEU B 311 5.93 -14.13 29.14
N LYS B 312 4.85 -13.80 28.44
CA LYS B 312 3.61 -14.55 28.60
C LYS B 312 2.92 -14.93 27.30
N ALA B 313 3.28 -14.34 26.16
CA ALA B 313 2.61 -14.57 24.88
C ALA B 313 1.14 -14.21 24.92
N ASP B 314 0.75 -13.27 25.77
CA ASP B 314 -0.62 -12.76 25.83
C ASP B 314 -0.59 -11.29 25.43
N ARG B 315 -1.39 -10.93 24.44
CA ARG B 315 -1.41 -9.55 23.95
C ARG B 315 -1.79 -8.60 25.07
N ALA B 316 -1.05 -7.50 25.17
CA ALA B 316 -1.29 -6.48 26.20
C ALA B 316 -1.20 -5.12 25.50
N GLY B 317 -2.34 -4.64 25.01
CA GLY B 317 -2.38 -3.35 24.36
C GLY B 317 -2.26 -3.46 22.85
N VAL B 318 -3.10 -2.72 22.14
CA VAL B 318 -3.08 -2.70 20.68
C VAL B 318 -3.08 -1.24 20.25
N LEU B 319 -2.19 -0.91 19.32
CA LEU B 319 -2.05 0.46 18.88
C LEU B 319 -2.84 0.67 17.59
N ALA B 320 -2.91 1.92 17.14
CA ALA B 320 -3.71 2.28 15.98
C ALA B 320 -3.29 3.64 15.45
N GLY B 321 -4.09 4.21 14.56
CA GLY B 321 -3.82 5.51 13.99
C GLY B 321 -3.24 5.48 12.59
N HIS B 322 -3.05 4.30 12.01
CA HIS B 322 -2.52 4.15 10.67
C HIS B 322 -3.60 3.57 9.76
N ASP B 323 -3.80 4.21 8.62
CA ASP B 323 -4.78 3.75 7.63
C ASP B 323 -4.14 2.88 6.55
N ASN B 324 -2.85 2.56 6.67
CA ASN B 324 -2.18 1.66 5.75
C ASN B 324 -1.22 0.81 6.56
N ARG B 325 -0.66 -0.23 5.94
CA ARG B 325 0.13 -1.21 6.68
C ARG B 325 1.40 -0.58 7.25
N VAL B 326 1.79 -1.08 8.42
CA VAL B 326 3.03 -0.65 9.07
C VAL B 326 4.16 -1.56 8.61
N SER B 327 5.26 -0.94 8.18
CA SER B 327 6.40 -1.68 7.67
C SER B 327 7.65 -1.56 8.53
N CYS B 328 7.75 -0.50 9.33
CA CYS B 328 8.93 -0.25 10.14
C CYS B 328 8.51 0.19 11.53
N LEU B 329 9.32 -0.17 12.53
CA LEU B 329 8.96 0.07 13.93
C LEU B 329 10.26 0.09 14.73
N GLY B 330 10.69 1.30 15.12
CA GLY B 330 11.96 1.49 15.81
C GLY B 330 11.75 2.02 17.22
N VAL B 331 12.61 1.58 18.13
CA VAL B 331 12.57 1.99 19.53
C VAL B 331 13.83 2.80 19.83
N THR B 332 13.66 3.88 20.58
CA THR B 332 14.79 4.76 20.90
C THR B 332 15.83 4.03 21.74
N ASP B 333 17.05 4.59 21.75
CA ASP B 333 18.15 3.99 22.48
C ASP B 333 17.88 3.97 23.98
N ASP B 334 17.32 5.04 24.52
CA ASP B 334 16.96 5.11 25.93
C ASP B 334 15.61 4.47 26.22
N GLY B 335 14.90 4.01 25.19
CA GLY B 335 13.61 3.40 25.40
C GLY B 335 12.50 4.36 25.73
N MET B 336 12.71 5.66 25.56
CA MET B 336 11.70 6.65 25.92
C MET B 336 10.46 6.57 25.06
N ALA B 337 10.62 6.32 23.75
CA ALA B 337 9.50 6.34 22.84
C ALA B 337 9.73 5.33 21.72
N VAL B 338 8.65 5.02 21.01
CA VAL B 338 8.68 4.13 19.85
C VAL B 338 8.08 4.89 18.68
N ALA B 339 8.76 4.85 17.54
CA ALA B 339 8.29 5.52 16.33
C ALA B 339 8.05 4.49 15.24
N THR B 340 6.86 4.52 14.66
CA THR B 340 6.49 3.59 13.59
C THR B 340 6.19 4.36 12.32
N GLY B 341 6.64 3.81 11.20
CA GLY B 341 6.32 4.37 9.89
C GLY B 341 5.51 3.36 9.09
N SER B 342 4.59 3.88 8.28
CA SER B 342 3.67 3.04 7.53
C SER B 342 3.69 3.45 6.07
N TRP B 343 3.04 2.64 5.24
CA TRP B 343 2.95 2.95 3.82
C TRP B 343 1.99 4.08 3.52
N ASP B 344 1.52 4.77 4.55
CA ASP B 344 0.64 5.91 4.39
C ASP B 344 1.37 7.24 4.37
N SER B 345 2.71 7.22 4.35
CA SER B 345 3.57 8.39 4.39
C SER B 345 3.52 9.11 5.73
N PHE B 346 3.07 8.45 6.80
CA PHE B 346 2.89 9.09 8.09
C PHE B 346 3.80 8.40 9.11
N LEU B 347 4.69 9.18 9.71
CA LEU B 347 5.67 8.68 10.67
C LEU B 347 5.25 9.15 12.06
N LYS B 348 4.48 8.31 12.76
CA LYS B 348 4.01 8.63 14.09
C LYS B 348 5.09 8.33 15.12
N ILE B 349 5.14 9.16 16.16
CA ILE B 349 6.03 8.96 17.29
C ILE B 349 5.16 8.70 18.50
N TRP B 350 5.39 7.56 19.16
CA TRP B 350 4.50 7.06 20.19
C TRP B 350 5.27 6.85 21.48
N ASN B 351 4.72 7.36 22.58
CA ASN B 351 5.40 7.30 23.87
C ASN B 351 4.51 6.61 24.88
N GLN C 3 11.32 -27.23 10.61
CA GLN C 3 11.84 -27.30 9.25
C GLN C 3 10.81 -27.93 8.32
N VAL C 4 10.53 -27.24 7.21
CA VAL C 4 9.55 -27.72 6.24
C VAL C 4 10.22 -28.76 5.35
N GLN C 5 9.61 -29.93 5.25
CA GLN C 5 10.11 -31.01 4.41
C GLN C 5 8.99 -31.51 3.52
N LEU C 6 9.35 -31.90 2.29
CA LEU C 6 8.39 -32.44 1.32
C LEU C 6 9.03 -33.66 0.68
N GLN C 7 8.85 -34.83 1.32
CA GLN C 7 9.43 -36.07 0.82
C GLN C 7 8.46 -36.75 -0.12
N GLU C 8 8.99 -37.35 -1.19
CA GLU C 8 8.19 -37.88 -2.29
C GLU C 8 8.52 -39.35 -2.50
N SER C 9 7.50 -40.13 -2.85
CA SER C 9 7.67 -41.55 -3.17
C SER C 9 6.84 -41.87 -4.40
N GLY C 10 7.50 -41.97 -5.55
CA GLY C 10 6.79 -42.20 -6.79
C GLY C 10 7.15 -43.50 -7.49
N GLY C 11 7.51 -43.42 -8.77
CA GLY C 11 7.83 -44.61 -9.54
C GLY C 11 9.07 -44.46 -10.38
N GLY C 12 9.22 -45.34 -11.38
CA GLY C 12 10.39 -45.32 -12.24
C GLY C 12 10.05 -45.54 -13.70
N LEU C 13 10.70 -46.53 -14.32
CA LEU C 13 10.45 -46.84 -15.73
C LEU C 13 9.11 -47.54 -15.87
N VAL C 14 8.23 -46.94 -16.66
CA VAL C 14 6.92 -47.51 -16.97
C VAL C 14 6.67 -47.39 -18.46
N GLN C 15 6.09 -48.43 -19.06
CA GLN C 15 5.77 -48.38 -20.47
C GLN C 15 4.69 -47.33 -20.72
N PRO C 16 4.71 -46.70 -21.90
CA PRO C 16 3.70 -45.68 -22.21
C PRO C 16 2.30 -46.26 -22.14
N GLY C 17 1.35 -45.46 -21.67
CA GLY C 17 0.00 -45.90 -21.44
C GLY C 17 -0.24 -46.57 -20.11
N GLY C 18 0.75 -46.61 -19.23
CA GLY C 18 0.63 -47.21 -17.92
C GLY C 18 0.04 -46.26 -16.90
N SER C 19 0.22 -46.59 -15.63
CA SER C 19 -0.30 -45.79 -14.54
C SER C 19 0.77 -45.64 -13.46
N LEU C 20 0.73 -44.48 -12.79
CA LEU C 20 1.64 -44.21 -11.69
C LEU C 20 0.93 -43.32 -10.68
N ARG C 21 1.37 -43.44 -9.42
CA ARG C 21 0.81 -42.63 -8.33
C ARG C 21 1.95 -41.96 -7.59
N LEU C 22 1.82 -40.67 -7.34
CA LEU C 22 2.81 -39.90 -6.60
C LEU C 22 2.27 -39.57 -5.22
N SER C 23 3.05 -39.93 -4.20
CA SER C 23 2.69 -39.65 -2.81
C SER C 23 3.63 -38.57 -2.28
N CYS C 24 3.07 -37.50 -1.77
CA CYS C 24 3.83 -36.36 -1.25
C CYS C 24 3.57 -36.26 0.25
N ALA C 25 4.48 -36.81 1.03
CA ALA C 25 4.37 -36.75 2.48
C ALA C 25 4.92 -35.43 2.99
N ALA C 26 4.11 -34.68 3.72
CA ALA C 26 4.47 -33.35 4.19
C ALA C 26 4.34 -33.28 5.70
N SER C 27 5.26 -32.56 6.33
CA SER C 27 5.24 -32.36 7.76
C SER C 27 6.02 -31.09 8.08
N GLY C 28 5.86 -30.61 9.30
CA GLY C 28 6.53 -29.40 9.75
C GLY C 28 5.78 -28.12 9.49
N PHE C 29 4.62 -28.18 8.84
CA PHE C 29 3.83 -26.99 8.60
C PHE C 29 2.35 -27.34 8.64
N THR C 30 1.53 -26.33 8.86
CA THR C 30 0.08 -26.50 8.83
C THR C 30 -0.35 -26.72 7.39
N PHE C 31 -0.72 -27.97 7.07
CA PHE C 31 -0.99 -28.35 5.70
C PHE C 31 -2.25 -27.68 5.17
N SER C 32 -3.19 -27.34 6.05
CA SER C 32 -4.52 -26.92 5.60
C SER C 32 -4.52 -25.54 4.95
N ASN C 33 -3.54 -24.70 5.26
CA ASN C 33 -3.58 -23.30 4.82
C ASN C 33 -2.83 -23.04 3.52
N TYR C 34 -2.19 -24.05 2.94
CA TYR C 34 -1.24 -23.83 1.86
C TYR C 34 -1.71 -24.46 0.57
N LYS C 35 -1.58 -23.70 -0.52
CA LYS C 35 -1.99 -24.13 -1.86
C LYS C 35 -0.82 -24.82 -2.54
N MET C 36 -0.74 -26.15 -2.38
CA MET C 36 0.35 -26.89 -2.97
C MET C 36 0.21 -26.97 -4.49
N ASN C 37 1.33 -27.14 -5.17
CA ASN C 37 1.38 -27.21 -6.61
C ASN C 37 2.05 -28.50 -7.06
N TRP C 38 2.34 -28.62 -8.35
CA TRP C 38 3.13 -29.72 -8.88
C TRP C 38 3.91 -29.18 -10.06
N VAL C 39 5.24 -29.29 -10.01
CA VAL C 39 6.09 -28.78 -11.08
C VAL C 39 7.03 -29.88 -11.54
N ARG C 40 7.30 -29.90 -12.84
CA ARG C 40 8.18 -30.91 -13.42
C ARG C 40 9.24 -30.23 -14.26
N GLN C 41 10.36 -30.94 -14.42
CA GLN C 41 11.49 -30.47 -15.21
C GLN C 41 11.97 -31.61 -16.09
N ALA C 42 11.64 -31.54 -17.38
CA ALA C 42 12.14 -32.53 -18.32
C ALA C 42 13.65 -32.38 -18.48
N PRO C 43 14.37 -33.47 -18.72
CA PRO C 43 15.82 -33.38 -18.85
C PRO C 43 16.24 -32.40 -19.93
N GLY C 44 17.22 -31.57 -19.61
CA GLY C 44 17.66 -30.55 -20.55
C GLY C 44 16.67 -29.43 -20.77
N LYS C 45 15.64 -29.33 -19.93
CA LYS C 45 14.61 -28.32 -20.06
C LYS C 45 14.50 -27.53 -18.77
N GLY C 46 13.73 -26.45 -18.81
CA GLY C 46 13.52 -25.60 -17.66
C GLY C 46 12.44 -26.15 -16.74
N LEU C 47 12.09 -25.33 -15.76
CA LEU C 47 11.03 -25.68 -14.82
C LEU C 47 9.68 -25.23 -15.37
N GLU C 48 8.70 -26.13 -15.31
CA GLU C 48 7.36 -25.84 -15.77
C GLU C 48 6.35 -26.33 -14.75
N TRP C 49 5.20 -25.65 -14.70
CA TRP C 49 4.16 -25.94 -13.72
C TRP C 49 3.11 -26.87 -14.30
N VAL C 50 2.58 -27.76 -13.47
CA VAL C 50 1.62 -28.79 -13.90
C VAL C 50 0.22 -28.46 -13.41
N SER C 51 0.02 -28.40 -12.10
CA SER C 51 -1.33 -28.20 -11.57
C SER C 51 -1.23 -27.63 -10.16
N ASP C 52 -2.33 -27.04 -9.71
CA ASP C 52 -2.41 -26.50 -8.36
C ASP C 52 -3.79 -26.82 -7.78
N ILE C 53 -3.83 -26.95 -6.46
CA ILE C 53 -5.08 -27.25 -5.75
C ILE C 53 -5.17 -26.35 -4.53
N SER C 54 -6.36 -25.83 -4.26
CA SER C 54 -6.53 -24.81 -3.23
C SER C 54 -6.44 -25.44 -1.84
N GLN C 55 -6.78 -24.64 -0.83
CA GLN C 55 -6.61 -25.06 0.56
C GLN C 55 -7.51 -26.25 0.88
N SER C 56 -8.76 -26.21 0.45
CA SER C 56 -9.73 -27.26 0.77
C SER C 56 -9.82 -28.33 -0.29
N GLY C 57 -9.48 -28.03 -1.54
CA GLY C 57 -9.58 -28.99 -2.61
C GLY C 57 -10.68 -28.64 -3.59
N ALA C 58 -11.22 -27.43 -3.47
CA ALA C 58 -12.33 -27.00 -4.32
C ALA C 58 -11.86 -26.53 -5.68
N SER C 59 -10.93 -25.58 -5.72
CA SER C 59 -10.44 -25.00 -6.97
C SER C 59 -9.22 -25.78 -7.44
N ILE C 60 -9.35 -26.44 -8.58
CA ILE C 60 -8.28 -27.23 -9.19
C ILE C 60 -8.07 -26.73 -10.61
N SER C 61 -6.81 -26.51 -10.97
CA SER C 61 -6.45 -26.14 -12.34
C SER C 61 -5.35 -27.06 -12.83
N TYR C 62 -5.25 -27.18 -14.15
CA TYR C 62 -4.24 -28.01 -14.78
C TYR C 62 -3.59 -27.24 -15.92
N THR C 63 -2.35 -27.60 -16.22
CA THR C 63 -1.71 -27.13 -17.43
C THR C 63 -2.29 -27.86 -18.64
N GLY C 64 -2.22 -27.21 -19.80
CA GLY C 64 -2.89 -27.74 -20.98
C GLY C 64 -2.38 -29.10 -21.39
N SER C 65 -1.06 -29.30 -21.34
CA SER C 65 -0.49 -30.55 -21.81
C SER C 65 -0.88 -31.72 -20.91
N VAL C 66 -0.96 -31.49 -19.60
CA VAL C 66 -1.23 -32.56 -18.65
C VAL C 66 -2.71 -32.57 -18.30
N LYS C 67 -3.52 -31.88 -19.09
CA LYS C 67 -4.96 -31.81 -18.86
C LYS C 67 -5.64 -33.07 -19.39
N GLY C 68 -6.57 -33.59 -18.60
CA GLY C 68 -7.34 -34.76 -19.01
C GLY C 68 -6.67 -36.09 -18.75
N ARG C 69 -5.46 -36.11 -18.16
CA ARG C 69 -4.79 -37.35 -17.83
C ARG C 69 -4.35 -37.47 -16.38
N PHE C 70 -4.22 -36.36 -15.65
CA PHE C 70 -3.70 -36.37 -14.29
C PHE C 70 -4.79 -35.95 -13.31
N THR C 71 -4.82 -36.62 -12.16
CA THR C 71 -5.75 -36.31 -11.09
C THR C 71 -4.95 -35.90 -9.86
N ILE C 72 -5.27 -34.72 -9.31
CA ILE C 72 -4.59 -34.19 -8.14
C ILE C 72 -5.60 -34.10 -7.00
N SER C 73 -5.24 -34.66 -5.85
CA SER C 73 -6.12 -34.67 -4.69
C SER C 73 -5.27 -34.58 -3.42
N ARG C 74 -5.75 -33.82 -2.45
CA ARG C 74 -5.05 -33.60 -1.19
C ARG C 74 -5.87 -34.15 -0.04
N ASP C 75 -5.19 -34.65 0.98
CA ASP C 75 -5.82 -35.16 2.19
C ASP C 75 -5.30 -34.34 3.37
N ASN C 76 -6.05 -33.30 3.73
CA ASN C 76 -5.64 -32.42 4.82
C ASN C 76 -5.62 -33.13 6.17
N ALA C 77 -6.32 -34.26 6.29
CA ALA C 77 -6.36 -34.97 7.56
C ALA C 77 -5.03 -35.62 7.87
N LYS C 78 -4.40 -36.26 6.88
CA LYS C 78 -3.16 -37.00 7.09
C LYS C 78 -1.93 -36.22 6.64
N ASN C 79 -2.09 -34.96 6.23
CA ASN C 79 -0.98 -34.10 5.84
C ASN C 79 -0.17 -34.72 4.69
N THR C 80 -0.84 -34.89 3.56
CA THR C 80 -0.20 -35.47 2.39
C THR C 80 -0.96 -35.05 1.14
N LEU C 81 -0.26 -35.12 0.00
CA LEU C 81 -0.81 -34.76 -1.29
C LEU C 81 -0.60 -35.91 -2.27
N TYR C 82 -1.52 -36.04 -3.22
CA TYR C 82 -1.48 -37.13 -4.18
C TYR C 82 -1.62 -36.62 -5.60
N LEU C 83 -0.96 -37.31 -6.53
CA LEU C 83 -1.09 -37.03 -7.96
C LEU C 83 -1.12 -38.36 -8.69
N GLN C 84 -2.31 -38.81 -9.07
CA GLN C 84 -2.48 -40.08 -9.76
C GLN C 84 -2.55 -39.81 -11.27
N MET C 85 -1.67 -40.48 -12.02
CA MET C 85 -1.52 -40.23 -13.45
C MET C 85 -1.85 -41.49 -14.25
N ASN C 86 -2.51 -41.29 -15.38
CA ASN C 86 -2.84 -42.35 -16.33
C ASN C 86 -2.53 -41.87 -17.74
N SER C 87 -2.44 -42.82 -18.67
CA SER C 87 -2.25 -42.53 -20.10
C SER C 87 -0.97 -41.72 -20.32
N LEU C 88 0.16 -42.32 -19.95
CA LEU C 88 1.43 -41.64 -20.04
C LEU C 88 1.84 -41.40 -21.49
N LYS C 89 2.65 -40.37 -21.69
CA LYS C 89 3.15 -39.92 -22.98
C LYS C 89 4.66 -39.80 -22.88
N PRO C 90 5.39 -40.03 -23.99
CA PRO C 90 6.87 -39.94 -23.91
C PRO C 90 7.37 -38.60 -23.43
N GLU C 91 6.56 -37.55 -23.56
CA GLU C 91 6.94 -36.23 -23.10
C GLU C 91 6.72 -36.03 -21.60
N ASP C 92 6.24 -37.05 -20.89
CA ASP C 92 6.09 -36.98 -19.44
C ASP C 92 7.35 -37.36 -18.68
N THR C 93 8.43 -37.73 -19.38
CA THR C 93 9.68 -38.10 -18.73
C THR C 93 10.30 -36.86 -18.09
N ALA C 94 10.23 -36.76 -16.77
CA ALA C 94 10.73 -35.59 -16.06
C ALA C 94 10.87 -35.93 -14.58
N VAL C 95 11.31 -34.95 -13.81
CA VAL C 95 11.40 -35.04 -12.36
C VAL C 95 10.30 -34.19 -11.75
N TYR C 96 9.62 -34.73 -10.75
CA TYR C 96 8.43 -34.09 -10.17
C TYR C 96 8.76 -33.52 -8.80
N TYR C 97 8.36 -32.26 -8.58
CA TYR C 97 8.52 -31.59 -7.31
C TYR C 97 7.16 -31.25 -6.71
N CYS C 98 6.99 -31.56 -5.43
CA CYS C 98 5.73 -31.28 -4.72
C CYS C 98 5.83 -29.92 -4.04
N ALA C 99 5.80 -28.87 -4.86
CA ALA C 99 6.03 -27.53 -4.36
C ALA C 99 4.91 -27.06 -3.45
N ARG C 100 5.26 -26.26 -2.46
CA ARG C 100 4.34 -25.63 -1.54
C ARG C 100 4.15 -24.17 -1.97
N CYS C 101 3.47 -23.39 -1.14
CA CYS C 101 3.20 -22.01 -1.50
C CYS C 101 3.87 -21.06 -0.50
N PRO C 102 4.40 -19.93 -0.97
CA PRO C 102 5.15 -19.05 -0.05
C PRO C 102 4.34 -18.55 1.14
N ALA C 103 3.07 -18.19 0.94
CA ALA C 103 2.34 -17.57 2.04
C ALA C 103 0.97 -18.21 2.20
N PRO C 104 0.48 -18.33 3.43
CA PRO C 104 -0.87 -18.86 3.64
C PRO C 104 -1.93 -17.86 3.23
N PHE C 105 -3.12 -18.39 2.92
CA PHE C 105 -4.31 -17.59 2.71
C PHE C 105 -4.13 -16.58 1.58
N THR C 106 -3.41 -16.99 0.54
CA THR C 106 -3.22 -16.17 -0.66
C THR C 106 -3.83 -16.88 -1.85
N ARG C 107 -4.71 -16.19 -2.57
CA ARG C 107 -5.30 -16.77 -3.77
C ARG C 107 -4.27 -16.97 -4.87
N ASP C 108 -3.23 -16.14 -4.89
CA ASP C 108 -2.17 -16.24 -5.89
C ASP C 108 -0.93 -16.82 -5.25
N CYS C 109 -0.37 -17.85 -5.88
CA CYS C 109 0.83 -18.51 -5.38
C CYS C 109 1.99 -18.07 -6.26
N PHE C 110 2.87 -17.23 -5.72
CA PHE C 110 3.72 -16.38 -6.52
C PHE C 110 5.17 -16.84 -6.40
N ASP C 111 5.87 -16.92 -7.54
CA ASP C 111 7.26 -17.35 -7.63
C ASP C 111 7.45 -18.76 -7.08
N VAL C 112 6.81 -19.72 -7.76
CA VAL C 112 6.86 -21.11 -7.34
C VAL C 112 7.73 -21.97 -8.26
N THR C 113 7.94 -21.57 -9.51
CA THR C 113 8.78 -22.32 -10.44
C THR C 113 10.18 -21.75 -10.55
N SER C 114 10.67 -21.07 -9.51
CA SER C 114 11.98 -20.45 -9.56
C SER C 114 13.07 -21.51 -9.56
N THR C 115 14.24 -21.12 -10.08
CA THR C 115 15.38 -22.05 -10.13
C THR C 115 15.82 -22.44 -8.73
N THR C 116 15.89 -21.48 -7.82
CA THR C 116 16.24 -21.73 -6.42
C THR C 116 15.03 -21.37 -5.57
N TYR C 117 14.42 -22.38 -4.96
CA TYR C 117 13.23 -22.20 -4.14
C TYR C 117 13.41 -22.97 -2.84
N ALA C 118 12.77 -22.49 -1.78
CA ALA C 118 13.02 -23.06 -0.46
C ALA C 118 12.02 -24.17 -0.11
N TYR C 119 10.73 -23.93 -0.30
CA TYR C 119 9.69 -24.83 0.19
C TYR C 119 9.31 -25.81 -0.91
N ARG C 120 10.30 -26.58 -1.35
CA ARG C 120 10.13 -27.49 -2.46
C ARG C 120 10.89 -28.77 -2.17
N GLY C 121 10.29 -29.90 -2.54
CA GLY C 121 10.87 -31.19 -2.21
C GLY C 121 12.07 -31.52 -3.06
N GLN C 122 12.75 -32.61 -2.67
CA GLN C 122 13.92 -33.07 -3.41
C GLN C 122 13.55 -33.50 -4.82
N GLY C 123 12.42 -34.17 -4.98
CA GLY C 123 11.97 -34.59 -6.28
C GLY C 123 12.24 -36.06 -6.54
N THR C 124 11.40 -36.68 -7.36
CA THR C 124 11.56 -38.06 -7.77
C THR C 124 11.53 -38.14 -9.28
N GLN C 125 12.20 -39.15 -9.82
CA GLN C 125 12.37 -39.29 -11.26
C GLN C 125 11.29 -40.20 -11.82
N VAL C 126 10.57 -39.70 -12.82
CA VAL C 126 9.52 -40.45 -13.51
C VAL C 126 9.88 -40.47 -14.99
N THR C 127 10.21 -41.64 -15.51
CA THR C 127 10.62 -41.80 -16.90
C THR C 127 9.79 -42.88 -17.56
N VAL C 128 9.40 -42.65 -18.81
CA VAL C 128 8.62 -43.60 -19.59
C VAL C 128 9.41 -43.97 -20.83
N SER C 129 9.50 -45.28 -21.09
CA SER C 129 10.25 -45.82 -22.22
C SER C 129 9.94 -47.30 -22.32
N SER C 130 10.60 -47.97 -23.25
CA SER C 130 10.43 -49.41 -23.43
C SER C 130 11.55 -50.18 -22.74
N ALA D 45 -48.10 29.86 12.48
CA ALA D 45 -47.15 28.75 12.50
C ALA D 45 -46.25 28.81 13.73
N VAL D 46 -46.74 28.32 14.86
CA VAL D 46 -45.99 28.35 16.11
C VAL D 46 -45.87 26.95 16.69
N ALA D 47 -46.81 26.06 16.34
CA ALA D 47 -46.79 24.71 16.88
C ALA D 47 -45.59 23.93 16.37
N LEU D 48 -45.28 24.06 15.08
CA LEU D 48 -44.14 23.37 14.47
C LEU D 48 -42.91 24.26 14.33
N ALA D 49 -42.96 25.49 14.84
CA ALA D 49 -41.85 26.41 14.65
C ALA D 49 -40.65 26.03 15.50
N GLY D 50 -40.87 25.68 16.77
CA GLY D 50 -39.76 25.40 17.66
C GLY D 50 -38.94 24.19 17.23
N ALA D 51 -39.62 23.11 16.87
CA ALA D 51 -38.92 21.91 16.44
C ALA D 51 -38.12 22.18 15.17
N LEU D 52 -38.72 22.90 14.21
CA LEU D 52 -38.01 23.19 12.96
C LEU D 52 -36.78 24.05 13.22
N LEU D 53 -36.93 25.11 14.03
CA LEU D 53 -35.79 25.99 14.28
C LEU D 53 -34.68 25.24 15.02
N ALA D 54 -35.05 24.40 15.99
CA ALA D 54 -34.04 23.64 16.71
C ALA D 54 -33.32 22.66 15.80
N LEU D 55 -34.06 21.84 15.07
CA LEU D 55 -33.47 20.82 14.21
C LEU D 55 -32.83 21.41 12.96
N GLU D 56 -33.00 22.71 12.70
CA GLU D 56 -32.23 23.39 11.67
C GLU D 56 -30.94 23.98 12.22
N VAL D 57 -31.04 24.81 13.27
CA VAL D 57 -29.85 25.48 13.80
C VAL D 57 -28.86 24.47 14.35
N LEU D 58 -29.33 23.56 15.22
CA LEU D 58 -28.42 22.60 15.83
C LEU D 58 -27.81 21.68 14.79
N ALA D 59 -28.62 21.20 13.84
CA ALA D 59 -28.08 20.32 12.81
C ALA D 59 -27.05 21.04 11.96
N THR D 60 -27.33 22.28 11.57
CA THR D 60 -26.39 23.04 10.75
C THR D 60 -25.06 23.23 11.47
N VAL D 61 -25.11 23.73 12.71
CA VAL D 61 -23.87 24.00 13.43
C VAL D 61 -23.11 22.71 13.69
N GLY D 62 -23.80 21.65 14.08
CA GLY D 62 -23.12 20.40 14.36
C GLY D 62 -22.46 19.81 13.12
N GLY D 63 -23.21 19.77 12.00
CA GLY D 63 -22.65 19.21 10.79
C GLY D 63 -21.47 20.00 10.27
N ASN D 64 -21.59 21.33 10.25
CA ASN D 64 -20.50 22.15 9.73
C ASN D 64 -19.28 22.08 10.65
N LEU D 65 -19.49 22.10 11.96
CA LEU D 65 -18.35 21.96 12.88
C LEU D 65 -17.67 20.62 12.70
N LEU D 66 -18.45 19.55 12.57
CA LEU D 66 -17.87 18.22 12.40
C LEU D 66 -17.06 18.14 11.12
N VAL D 67 -17.60 18.68 10.02
CA VAL D 67 -16.88 18.65 8.75
C VAL D 67 -15.59 19.46 8.84
N ILE D 68 -15.66 20.66 9.41
CA ILE D 68 -14.47 21.52 9.49
C ILE D 68 -13.40 20.87 10.36
N VAL D 69 -13.80 20.31 11.50
CA VAL D 69 -12.83 19.69 12.39
C VAL D 69 -12.21 18.46 11.73
N ALA D 70 -13.04 17.61 11.12
CA ALA D 70 -12.52 16.40 10.48
C ALA D 70 -11.66 16.72 9.27
N ILE D 71 -11.82 17.89 8.66
CA ILE D 71 -10.95 18.26 7.56
C ILE D 71 -9.65 18.87 8.07
N ALA D 72 -9.72 19.72 9.09
CA ALA D 72 -8.52 20.41 9.56
C ALA D 72 -7.59 19.49 10.34
N ARG D 73 -8.13 18.66 11.21
CA ARG D 73 -7.32 17.87 12.12
C ARG D 73 -6.93 16.50 11.55
N THR D 74 -7.41 16.15 10.37
CA THR D 74 -7.06 14.88 9.73
C THR D 74 -6.24 15.16 8.47
N PRO D 75 -4.93 14.92 8.48
CA PRO D 75 -4.12 15.24 7.31
C PRO D 75 -4.45 14.42 6.08
N ARG D 76 -5.11 13.26 6.23
CA ARG D 76 -5.50 12.48 5.07
C ARG D 76 -6.56 13.19 4.24
N LEU D 77 -7.47 13.92 4.89
CA LEU D 77 -8.61 14.53 4.22
C LEU D 77 -8.30 15.89 3.64
N GLN D 78 -7.07 16.40 3.81
CA GLN D 78 -6.71 17.71 3.26
C GLN D 78 -6.29 17.59 1.80
N THR D 79 -7.19 17.09 0.95
CA THR D 79 -6.88 16.93 -0.46
C THR D 79 -6.88 18.29 -1.16
N MET D 80 -6.62 18.28 -2.46
CA MET D 80 -6.59 19.49 -3.24
C MET D 80 -7.97 20.03 -3.55
N THR D 81 -9.03 19.28 -3.25
CA THR D 81 -10.39 19.71 -3.51
C THR D 81 -11.20 19.99 -2.25
N ASN D 82 -10.69 19.64 -1.07
CA ASN D 82 -11.44 19.84 0.16
C ASN D 82 -11.34 21.26 0.71
N VAL D 83 -10.51 22.13 0.11
CA VAL D 83 -10.55 23.53 0.52
C VAL D 83 -11.88 24.16 0.10
N PHE D 84 -12.41 23.76 -1.06
CA PHE D 84 -13.73 24.24 -1.45
C PHE D 84 -14.80 23.76 -0.47
N VAL D 85 -14.71 22.50 -0.04
CA VAL D 85 -15.66 21.99 0.94
C VAL D 85 -15.50 22.71 2.26
N THR D 86 -14.27 23.06 2.63
CA THR D 86 -14.06 23.84 3.85
C THR D 86 -14.73 25.20 3.75
N SER D 87 -14.61 25.86 2.59
CA SER D 87 -15.29 27.14 2.42
C SER D 87 -16.80 26.99 2.50
N LEU D 88 -17.33 25.94 1.87
CA LEU D 88 -18.77 25.69 1.93
C LEU D 88 -19.22 25.46 3.37
N ALA D 89 -18.45 24.67 4.12
CA ALA D 89 -18.80 24.41 5.51
C ALA D 89 -18.72 25.67 6.35
N THR D 90 -17.74 26.53 6.10
CA THR D 90 -17.66 27.80 6.82
C THR D 90 -18.88 28.67 6.54
N ALA D 91 -19.24 28.80 5.27
CA ALA D 91 -20.41 29.62 4.92
C ALA D 91 -21.68 29.05 5.56
N ASP D 92 -21.87 27.74 5.47
CA ASP D 92 -23.06 27.13 6.05
C ASP D 92 -23.08 27.26 7.57
N LEU D 93 -21.91 27.17 8.20
CA LEU D 93 -21.84 27.35 9.65
C LEU D 93 -22.24 28.76 10.04
N VAL D 94 -21.76 29.76 9.30
CA VAL D 94 -22.16 31.14 9.60
C VAL D 94 -23.66 31.32 9.41
N VAL D 95 -24.21 30.77 8.32
CA VAL D 95 -25.65 30.90 8.07
C VAL D 95 -26.44 30.26 9.21
N GLY D 96 -26.11 29.02 9.56
CA GLY D 96 -26.85 28.32 10.58
C GLY D 96 -26.57 28.80 11.99
N LEU D 97 -25.55 29.62 12.18
CA LEU D 97 -25.22 30.13 13.51
C LEU D 97 -25.75 31.52 13.78
N LEU D 98 -25.54 32.48 12.87
CA LEU D 98 -25.89 33.87 13.17
C LEU D 98 -26.87 34.48 12.17
N VAL D 99 -27.48 33.68 11.31
CA VAL D 99 -28.46 34.16 10.34
C VAL D 99 -29.83 33.53 10.56
N VAL D 100 -29.89 32.23 10.77
CA VAL D 100 -31.15 31.50 10.90
C VAL D 100 -31.94 31.94 12.12
N PRO D 101 -31.36 32.07 13.31
CA PRO D 101 -32.18 32.44 14.49
C PRO D 101 -32.86 33.79 14.34
N PRO D 102 -32.16 34.85 13.91
CA PRO D 102 -32.87 36.12 13.68
C PRO D 102 -33.97 36.01 12.64
N GLY D 103 -33.73 35.24 11.58
CA GLY D 103 -34.78 35.04 10.58
C GLY D 103 -35.99 34.33 11.15
N ALA D 104 -35.77 33.33 11.99
CA ALA D 104 -36.88 32.63 12.63
C ALA D 104 -37.66 33.56 13.55
N THR D 105 -36.94 34.37 14.34
CA THR D 105 -37.62 35.30 15.24
C THR D 105 -38.45 36.31 14.45
N LEU D 106 -37.92 36.81 13.33
CA LEU D 106 -38.69 37.74 12.52
C LEU D 106 -39.87 37.05 11.84
N ALA D 107 -39.71 35.77 11.48
CA ALA D 107 -40.79 35.06 10.79
C ALA D 107 -41.95 34.79 11.73
N LEU D 108 -41.67 34.30 12.93
CA LEU D 108 -42.75 34.00 13.88
C LEU D 108 -43.40 35.28 14.37
N THR D 109 -42.59 36.26 14.80
CA THR D 109 -43.08 37.56 15.25
C THR D 109 -42.56 38.61 14.28
N GLY D 110 -43.48 39.31 13.62
CA GLY D 110 -43.08 40.30 12.63
C GLY D 110 -42.55 41.58 13.24
N ARG D 111 -41.65 41.46 14.22
CA ARG D 111 -41.04 42.61 14.86
C ARG D 111 -39.56 42.34 15.03
N TRP D 112 -38.73 43.17 14.42
CA TRP D 112 -37.29 43.00 14.49
C TRP D 112 -36.79 43.42 15.87
N PRO D 113 -36.02 42.58 16.57
CA PRO D 113 -35.54 43.00 17.90
C PRO D 113 -34.47 44.07 17.85
N LEU D 114 -33.51 43.95 16.94
CA LEU D 114 -32.41 44.91 16.86
C LEU D 114 -32.91 46.18 16.16
N GLY D 115 -31.99 47.10 15.87
CA GLY D 115 -32.29 48.33 15.18
C GLY D 115 -32.19 48.18 13.68
N ALA D 116 -32.31 49.32 12.99
CA ALA D 116 -32.15 49.32 11.54
C ALA D 116 -30.74 48.88 11.13
N THR D 117 -29.73 49.36 11.85
CA THR D 117 -28.35 48.96 11.56
C THR D 117 -28.13 47.47 11.80
N GLY D 118 -28.77 46.91 12.83
CA GLY D 118 -28.59 45.51 13.12
C GLY D 118 -29.04 44.61 11.97
N CYS D 119 -30.26 44.83 11.47
CA CYS D 119 -30.72 44.02 10.36
C CYS D 119 -30.13 44.45 9.03
N GLU D 120 -29.61 45.67 8.93
CA GLU D 120 -28.79 46.02 7.77
C GLU D 120 -27.55 45.14 7.70
N LEU D 121 -26.86 45.01 8.83
CA LEU D 121 -25.73 44.08 8.93
C LEU D 121 -26.18 42.65 8.67
N TRP D 122 -27.34 42.26 9.22
CA TRP D 122 -27.84 40.91 9.01
C TRP D 122 -28.09 40.62 7.54
N THR D 123 -28.72 41.55 6.83
CA THR D 123 -28.98 41.37 5.41
C THR D 123 -27.68 41.27 4.62
N SER D 124 -26.73 42.17 4.90
CA SER D 124 -25.45 42.10 4.20
C SER D 124 -24.76 40.76 4.45
N VAL D 125 -24.76 40.31 5.70
CA VAL D 125 -24.09 39.06 6.05
C VAL D 125 -24.76 37.87 5.38
N ASP D 126 -26.10 37.82 5.39
CA ASP D 126 -26.76 36.66 4.82
C ASP D 126 -26.60 36.60 3.31
N VAL D 127 -26.66 37.76 2.64
CA VAL D 127 -26.39 37.79 1.21
C VAL D 127 -24.99 37.31 0.93
N LEU D 128 -24.01 37.81 1.70
CA LEU D 128 -22.63 37.38 1.54
C LEU D 128 -22.50 35.87 1.66
N CYS D 129 -23.06 35.30 2.73
CA CYS D 129 -22.84 33.88 3.01
C CYS D 129 -23.56 32.99 2.02
N VAL D 130 -24.80 33.34 1.64
CA VAL D 130 -25.51 32.54 0.66
C VAL D 130 -24.82 32.60 -0.70
N THR D 131 -24.38 33.79 -1.12
CA THR D 131 -23.67 33.90 -2.38
C THR D 131 -22.38 33.08 -2.34
N ALA D 132 -21.66 33.13 -1.22
CA ALA D 132 -20.44 32.33 -1.10
C ALA D 132 -20.74 30.84 -1.17
N SER D 133 -21.82 30.39 -0.53
CA SER D 133 -22.14 28.96 -0.55
C SER D 133 -22.48 28.49 -1.96
N ILE D 134 -23.32 29.23 -2.67
CA ILE D 134 -23.67 28.80 -4.03
C ILE D 134 -22.46 28.87 -4.95
N GLU D 135 -21.65 29.93 -4.82
CA GLU D 135 -20.48 30.06 -5.67
C GLU D 135 -19.45 28.97 -5.39
N THR D 136 -19.30 28.55 -4.13
CA THR D 136 -18.37 27.46 -3.86
C THR D 136 -18.93 26.12 -4.30
N LEU D 137 -20.26 25.95 -4.33
CA LEU D 137 -20.81 24.78 -5.00
C LEU D 137 -20.47 24.78 -6.48
N CYS D 138 -20.55 25.95 -7.12
CA CYS D 138 -20.13 26.07 -8.52
C CYS D 138 -18.65 25.71 -8.67
N ALA D 139 -17.81 26.18 -7.75
CA ALA D 139 -16.39 25.87 -7.81
C ALA D 139 -16.14 24.37 -7.64
N LEU D 140 -16.87 23.72 -6.74
CA LEU D 140 -16.76 22.26 -6.61
C LEU D 140 -17.17 21.55 -7.89
N ALA D 141 -18.23 22.03 -8.55
CA ALA D 141 -18.61 21.43 -9.81
C ALA D 141 -17.51 21.57 -10.86
N VAL D 142 -16.91 22.76 -10.95
CA VAL D 142 -15.81 22.96 -11.90
C VAL D 142 -14.62 22.07 -11.56
N ASP D 143 -14.33 21.90 -10.26
CA ASP D 143 -13.23 21.04 -9.85
C ASP D 143 -13.49 19.59 -10.26
N ARG D 144 -14.71 19.11 -10.05
CA ARG D 144 -15.04 17.74 -10.47
C ARG D 144 -14.96 17.58 -11.98
N TYR D 145 -15.42 18.59 -12.72
CA TYR D 145 -15.30 18.56 -14.17
C TYR D 145 -13.85 18.44 -14.61
N LEU D 146 -12.98 19.26 -14.03
CA LEU D 146 -11.56 19.21 -14.40
C LEU D 146 -10.91 17.90 -13.98
N ALA D 147 -11.31 17.35 -12.83
CA ALA D 147 -10.71 16.12 -12.35
C ALA D 147 -11.18 14.89 -13.12
N VAL D 148 -12.35 14.94 -13.75
CA VAL D 148 -12.86 13.81 -14.51
C VAL D 148 -12.48 13.90 -15.98
N THR D 149 -12.61 15.08 -16.59
CA THR D 149 -12.32 15.21 -18.01
C THR D 149 -10.85 15.54 -18.29
N ASN D 150 -10.04 15.73 -17.26
CA ASN D 150 -8.60 15.87 -17.44
C ASN D 150 -7.88 15.07 -16.36
N PRO D 151 -8.06 13.75 -16.31
CA PRO D 151 -7.56 12.98 -15.16
C PRO D 151 -6.05 12.99 -15.03
N LEU D 152 -5.31 13.20 -16.11
CA LEU D 152 -3.85 13.21 -16.02
C LEU D 152 -3.31 14.59 -15.67
N ARG D 153 -3.81 15.63 -16.33
CA ARG D 153 -3.39 16.99 -16.02
C ARG D 153 -4.35 17.64 -15.01
N TYR D 154 -4.53 16.95 -13.89
CA TYR D 154 -5.37 17.44 -12.80
C TYR D 154 -4.57 17.86 -11.58
N GLY D 155 -3.58 17.05 -11.17
CA GLY D 155 -2.71 17.43 -10.08
C GLY D 155 -1.68 18.49 -10.42
N ALA D 156 -1.57 18.83 -11.70
CA ALA D 156 -0.67 19.89 -12.15
C ALA D 156 -1.40 21.07 -12.75
N LEU D 157 -2.73 21.06 -12.76
CA LEU D 157 -3.53 22.17 -13.27
C LEU D 157 -4.15 23.01 -12.17
N VAL D 158 -4.68 22.39 -11.12
CA VAL D 158 -5.23 23.10 -9.97
C VAL D 158 -4.49 22.60 -8.74
N THR D 159 -3.57 23.42 -8.24
CA THR D 159 -2.80 23.08 -7.05
C THR D 159 -3.43 23.73 -5.82
N LYS D 160 -2.84 23.43 -4.66
CA LYS D 160 -3.39 23.91 -3.40
C LYS D 160 -3.45 25.43 -3.35
N ARG D 161 -2.37 26.10 -3.76
CA ARG D 161 -2.35 27.55 -3.75
C ARG D 161 -3.39 28.13 -4.70
N ARG D 162 -3.51 27.55 -5.91
CA ARG D 162 -4.50 28.04 -6.86
C ARG D 162 -5.93 27.83 -6.35
N ALA D 163 -6.19 26.68 -5.72
CA ALA D 163 -7.52 26.42 -5.18
C ALA D 163 -7.85 27.41 -4.07
N ARG D 164 -6.89 27.68 -3.18
CA ARG D 164 -7.14 28.65 -2.11
C ARG D 164 -7.34 30.06 -2.68
N ALA D 165 -6.59 30.41 -3.73
CA ALA D 165 -6.82 31.70 -4.38
C ALA D 165 -8.21 31.77 -4.99
N ALA D 166 -8.68 30.68 -5.59
CA ALA D 166 -10.03 30.67 -6.14
C ALA D 166 -11.08 30.82 -5.04
N VAL D 167 -10.88 30.16 -3.90
CA VAL D 167 -11.82 30.30 -2.78
C VAL D 167 -11.84 31.73 -2.29
N VAL D 168 -10.68 32.36 -2.16
CA VAL D 168 -10.61 33.75 -1.72
C VAL D 168 -11.31 34.66 -2.72
N LEU D 169 -11.12 34.39 -4.02
CA LEU D 169 -11.81 35.19 -5.04
C LEU D 169 -13.32 35.05 -4.93
N VAL D 170 -13.80 33.83 -4.70
CA VAL D 170 -15.24 33.61 -4.54
C VAL D 170 -15.76 34.40 -3.34
N TRP D 171 -15.05 34.33 -2.22
CA TRP D 171 -15.52 35.04 -1.03
C TRP D 171 -15.49 36.55 -1.23
N VAL D 172 -14.47 37.07 -1.91
CA VAL D 172 -14.39 38.52 -2.07
C VAL D 172 -15.44 39.01 -3.06
N VAL D 173 -15.75 38.24 -4.10
CA VAL D 173 -16.82 38.68 -4.99
C VAL D 173 -18.17 38.58 -4.30
N SER D 174 -18.36 37.58 -3.43
CA SER D 174 -19.58 37.54 -2.63
C SER D 174 -19.69 38.76 -1.73
N ALA D 175 -18.59 39.16 -1.09
CA ALA D 175 -18.61 40.36 -0.27
C ALA D 175 -18.92 41.60 -1.09
N ALA D 176 -18.34 41.68 -2.29
CA ALA D 176 -18.58 42.84 -3.15
C ALA D 176 -20.03 42.93 -3.58
N VAL D 177 -20.65 41.80 -3.92
CA VAL D 177 -22.03 41.83 -4.35
C VAL D 177 -22.97 42.03 -3.15
N SER D 178 -22.52 41.67 -1.95
CA SER D 178 -23.36 41.84 -0.78
C SER D 178 -23.26 43.24 -0.17
N PHE D 179 -22.15 43.94 -0.39
CA PHE D 179 -21.95 45.26 0.19
C PHE D 179 -22.48 46.39 -0.68
N ALA D 180 -23.12 46.06 -1.80
CA ALA D 180 -23.71 47.07 -2.68
C ALA D 180 -24.80 47.90 -1.99
N PRO D 181 -25.74 47.29 -1.24
CA PRO D 181 -26.78 48.12 -0.60
C PRO D 181 -26.23 49.12 0.40
N ILE D 182 -25.08 48.83 1.01
CA ILE D 182 -24.47 49.80 1.91
C ILE D 182 -24.07 51.06 1.14
N MET D 183 -23.47 50.89 -0.04
CA MET D 183 -23.11 52.01 -0.88
C MET D 183 -24.32 52.46 -1.71
N SER D 184 -24.07 53.41 -2.61
CA SER D 184 -25.11 53.97 -3.47
C SER D 184 -26.29 54.53 -2.65
N GLU D 194 -43.24 47.42 -1.55
CA GLU D 194 -43.24 48.50 -0.58
C GLU D 194 -42.20 49.56 -0.95
N ALA D 195 -42.67 50.73 -1.38
CA ALA D 195 -41.79 51.82 -1.76
C ALA D 195 -41.29 52.52 -0.51
N GLN D 196 -40.09 52.14 -0.07
CA GLN D 196 -39.43 52.66 1.14
C GLN D 196 -40.43 52.87 2.27
N ARG D 197 -41.20 51.82 2.56
CA ARG D 197 -42.26 51.88 3.56
C ARG D 197 -41.73 51.53 4.95
N CYS D 198 -41.11 50.35 5.09
CA CYS D 198 -40.58 49.89 6.35
C CYS D 198 -39.06 50.03 6.46
N HIS D 199 -38.45 50.87 5.62
CA HIS D 199 -37.01 51.08 5.68
C HIS D 199 -36.60 52.25 6.58
N SER D 200 -37.56 52.98 7.14
CA SER D 200 -37.27 54.11 8.01
C SER D 200 -37.34 53.75 9.50
N ASN D 201 -36.98 52.52 9.85
CA ASN D 201 -37.01 52.00 11.22
C ASN D 201 -38.36 52.17 11.88
N PRO D 202 -39.44 51.60 11.31
CA PRO D 202 -40.74 51.61 12.01
C PRO D 202 -40.91 50.40 12.90
N HIS D 203 -39.78 49.76 13.24
CA HIS D 203 -39.64 48.41 13.80
C HIS D 203 -39.68 47.39 12.66
N CYS D 204 -39.75 47.84 11.42
CA CYS D 204 -39.53 47.03 10.24
C CYS D 204 -38.08 47.13 9.80
N CYS D 205 -37.74 46.40 8.75
CA CYS D 205 -36.68 46.76 7.82
C CYS D 205 -36.79 45.82 6.62
N ALA D 206 -36.60 46.39 5.43
CA ALA D 206 -37.05 45.75 4.21
C ALA D 206 -35.87 45.25 3.40
N PHE D 207 -35.95 43.99 2.97
CA PHE D 207 -35.07 43.44 1.95
C PHE D 207 -35.61 43.69 0.54
N ALA D 208 -36.80 44.29 0.44
CA ALA D 208 -37.33 44.68 -0.86
C ALA D 208 -36.39 45.66 -1.52
N SER D 209 -35.84 45.28 -2.67
CA SER D 209 -34.82 46.06 -3.35
C SER D 209 -35.29 46.41 -4.75
N ASN D 210 -34.63 47.41 -5.33
CA ASN D 210 -34.96 47.85 -6.67
C ASN D 210 -34.61 46.78 -7.69
N ILE D 211 -35.19 46.93 -8.89
CA ILE D 211 -35.00 45.91 -9.94
C ILE D 211 -33.54 45.70 -10.34
N PRO D 212 -32.71 46.74 -10.53
CA PRO D 212 -31.34 46.45 -10.98
C PRO D 212 -30.56 45.57 -10.02
N TYR D 213 -30.64 45.87 -8.72
CA TYR D 213 -29.95 45.02 -7.75
C TYR D 213 -30.54 43.63 -7.72
N ALA D 214 -31.87 43.50 -7.84
CA ALA D 214 -32.47 42.17 -7.85
C ALA D 214 -31.94 41.34 -9.00
N LEU D 215 -31.90 41.92 -10.20
CA LEU D 215 -31.38 41.21 -11.36
C LEU D 215 -29.90 40.87 -11.18
N LEU D 216 -29.11 41.82 -10.68
CA LEU D 216 -27.67 41.57 -10.51
C LEU D 216 -27.42 40.46 -9.50
N SER D 217 -28.15 40.47 -8.38
CA SER D 217 -27.96 39.45 -7.35
C SER D 217 -28.42 38.09 -7.84
N SER D 218 -29.58 38.03 -8.48
CA SER D 218 -30.06 36.75 -9.00
C SER D 218 -29.17 36.23 -10.11
N SER D 219 -28.46 37.10 -10.83
CA SER D 219 -27.55 36.64 -11.87
C SER D 219 -26.25 36.13 -11.28
N VAL D 220 -25.60 36.93 -10.42
CA VAL D 220 -24.30 36.54 -9.87
C VAL D 220 -24.39 35.41 -8.87
N SER D 221 -25.41 35.38 -8.02
CA SER D 221 -25.48 34.42 -6.94
C SER D 221 -26.12 33.09 -7.30
N PHE D 222 -27.12 33.08 -8.17
CA PHE D 222 -27.81 31.81 -8.38
C PHE D 222 -27.87 31.37 -9.83
N TYR D 223 -28.13 32.28 -10.76
CA TYR D 223 -28.39 31.87 -12.14
C TYR D 223 -27.12 31.35 -12.82
N LEU D 224 -26.02 32.11 -12.72
CA LEU D 224 -24.77 31.65 -13.32
C LEU D 224 -24.26 30.36 -12.67
N PRO D 225 -24.22 30.22 -11.34
CA PRO D 225 -23.89 28.92 -10.77
C PRO D 225 -24.84 27.83 -11.21
N LEU D 226 -26.13 28.14 -11.37
CA LEU D 226 -27.06 27.12 -11.85
C LEU D 226 -26.68 26.62 -13.23
N LEU D 227 -26.39 27.54 -14.16
CA LEU D 227 -26.05 27.12 -15.52
C LEU D 227 -24.75 26.32 -15.54
N VAL D 228 -23.74 26.81 -14.82
CA VAL D 228 -22.45 26.11 -14.81
C VAL D 228 -22.60 24.73 -14.19
N MET D 229 -23.27 24.65 -13.04
CA MET D 229 -23.60 23.37 -12.43
C MET D 229 -24.25 22.45 -13.44
N LEU D 230 -25.25 22.96 -14.16
CA LEU D 230 -26.04 22.11 -15.04
C LEU D 230 -25.19 21.51 -16.14
N PHE D 231 -24.45 22.34 -16.90
CA PHE D 231 -23.80 21.68 -18.03
C PHE D 231 -22.53 20.96 -17.61
N VAL D 232 -21.85 21.41 -16.55
CA VAL D 232 -20.71 20.66 -16.04
C VAL D 232 -21.12 19.26 -15.61
N TYR D 233 -22.17 19.16 -14.79
CA TYR D 233 -22.60 17.85 -14.36
C TYR D 233 -23.27 17.06 -15.49
N ALA D 234 -23.79 17.74 -16.51
CA ALA D 234 -24.25 17.01 -17.69
C ALA D 234 -23.09 16.30 -18.37
N ARG D 235 -21.99 17.02 -18.62
CA ARG D 235 -20.84 16.40 -19.25
C ARG D 235 -20.28 15.27 -18.37
N VAL D 236 -20.24 15.48 -17.06
CA VAL D 236 -19.79 14.43 -16.17
C VAL D 236 -20.72 13.22 -16.25
N PHE D 237 -22.03 13.43 -16.36
CA PHE D 237 -22.95 12.31 -16.47
C PHE D 237 -22.74 11.54 -17.76
N LEU D 238 -22.55 12.24 -18.88
CA LEU D 238 -22.28 11.53 -20.14
C LEU D 238 -21.00 10.71 -20.05
N VAL D 239 -19.92 11.27 -19.50
CA VAL D 239 -18.69 10.49 -19.44
C VAL D 239 -18.83 9.33 -18.47
N ALA D 240 -19.56 9.51 -17.36
CA ALA D 240 -19.76 8.42 -16.42
C ALA D 240 -20.57 7.29 -17.04
N THR D 241 -21.63 7.62 -17.78
CA THR D 241 -22.41 6.59 -18.44
C THR D 241 -21.59 5.87 -19.50
N ARG D 242 -20.78 6.61 -20.26
CA ARG D 242 -19.93 5.99 -21.27
C ARG D 242 -18.97 5.00 -20.62
N GLN D 243 -18.31 5.40 -19.54
CA GLN D 243 -17.37 4.50 -18.88
C GLN D 243 -18.08 3.31 -18.25
N LEU D 244 -19.28 3.51 -17.70
CA LEU D 244 -20.01 2.38 -17.13
C LEU D 244 -20.41 1.38 -18.21
N ARG D 245 -20.85 1.88 -19.36
CA ARG D 245 -21.20 0.98 -20.46
C ARG D 245 -19.98 0.22 -20.96
N LEU D 246 -18.85 0.91 -21.11
CA LEU D 246 -17.63 0.22 -21.54
C LEU D 246 -17.19 -0.82 -20.51
N LEU D 247 -17.35 -0.50 -19.23
CA LEU D 247 -16.98 -1.45 -18.18
C LEU D 247 -17.87 -2.69 -18.21
N ARG D 248 -19.18 -2.50 -18.38
CA ARG D 248 -20.08 -3.65 -18.36
C ARG D 248 -20.01 -4.46 -19.65
N ARG D 249 -19.58 -3.86 -20.76
CA ARG D 249 -19.37 -4.65 -21.97
C ARG D 249 -18.11 -5.50 -21.88
N GLU D 250 -17.08 -5.00 -21.20
CA GLU D 250 -15.80 -5.68 -21.11
C GLU D 250 -15.65 -6.51 -19.84
N LEU D 251 -16.73 -6.71 -19.08
CA LEU D 251 -16.69 -7.55 -17.90
C LEU D 251 -17.61 -8.76 -18.00
N GLY D 252 -18.67 -8.68 -18.80
CA GLY D 252 -19.57 -9.81 -18.96
C GLY D 252 -19.50 -10.44 -20.34
N ARG D 253 -18.29 -10.59 -20.86
CA ARG D 253 -18.10 -11.20 -22.17
C ARG D 253 -18.09 -12.72 -22.12
N PHE D 254 -18.14 -13.32 -20.94
CA PHE D 254 -18.08 -14.77 -20.89
C PHE D 254 -19.44 -15.35 -20.48
N PRO D 255 -19.81 -16.51 -21.05
CA PRO D 255 -21.07 -17.19 -20.70
C PRO D 255 -20.99 -17.90 -19.35
N GLU D 296 -25.83 -1.79 -12.15
CA GLU D 296 -26.86 -0.83 -11.71
C GLU D 296 -26.41 0.60 -11.96
N HIS D 297 -27.37 1.52 -11.97
CA HIS D 297 -27.08 2.93 -12.22
C HIS D 297 -26.70 3.61 -10.91
N ARG D 298 -25.46 4.09 -10.83
CA ARG D 298 -24.96 4.79 -9.65
C ARG D 298 -24.65 6.26 -9.90
N ALA D 299 -24.14 6.60 -11.10
CA ALA D 299 -23.90 8.00 -11.42
C ALA D 299 -25.18 8.81 -11.42
N LEU D 300 -26.26 8.23 -11.96
CA LEU D 300 -27.53 8.95 -11.98
C LEU D 300 -28.00 9.29 -10.58
N ARG D 301 -27.90 8.34 -9.65
CA ARG D 301 -28.34 8.59 -8.28
C ARG D 301 -27.58 9.77 -7.67
N THR D 302 -26.25 9.74 -7.74
CA THR D 302 -25.45 10.79 -7.10
C THR D 302 -25.69 12.15 -7.75
N LEU D 303 -25.62 12.21 -9.08
CA LEU D 303 -25.76 13.50 -9.75
C LEU D 303 -27.17 14.06 -9.59
N GLY D 304 -28.19 13.21 -9.75
CA GLY D 304 -29.55 13.66 -9.51
C GLY D 304 -29.75 14.14 -8.09
N LEU D 305 -29.16 13.43 -7.12
CA LEU D 305 -29.27 13.84 -5.73
C LEU D 305 -28.66 15.22 -5.53
N ILE D 306 -27.46 15.45 -6.05
CA ILE D 306 -26.80 16.75 -5.84
C ILE D 306 -27.60 17.86 -6.50
N VAL D 307 -27.93 17.69 -7.78
CA VAL D 307 -28.61 18.77 -8.49
C VAL D 307 -30.00 19.00 -7.92
N GLY D 308 -30.69 17.94 -7.49
CA GLY D 308 -32.00 18.12 -6.88
C GLY D 308 -31.92 18.84 -5.54
N THR D 309 -31.07 18.35 -4.64
CA THR D 309 -30.98 18.97 -3.33
C THR D 309 -30.45 20.39 -3.40
N PHE D 310 -29.86 20.80 -4.52
CA PHE D 310 -29.57 22.21 -4.71
C PHE D 310 -30.73 22.99 -5.35
N THR D 311 -31.27 22.49 -6.46
CA THR D 311 -32.27 23.24 -7.22
C THR D 311 -33.60 23.33 -6.47
N LEU D 312 -34.09 22.20 -5.96
CA LEU D 312 -35.36 22.19 -5.25
C LEU D 312 -35.38 23.21 -4.12
N CYS D 313 -34.22 23.48 -3.53
CA CYS D 313 -34.14 24.37 -2.37
C CYS D 313 -33.73 25.78 -2.71
N TRP D 314 -33.10 26.03 -3.86
CA TRP D 314 -32.70 27.39 -4.18
C TRP D 314 -33.33 28.00 -5.43
N LEU D 315 -34.12 27.25 -6.19
CA LEU D 315 -34.79 27.83 -7.37
C LEU D 315 -36.07 28.58 -7.00
N PRO D 316 -36.98 28.00 -6.21
CA PRO D 316 -38.24 28.72 -5.95
C PRO D 316 -38.04 30.07 -5.29
N PHE D 317 -37.08 30.17 -4.37
CA PHE D 317 -36.87 31.43 -3.67
C PHE D 317 -36.42 32.52 -4.63
N PHE D 318 -35.48 32.21 -5.52
CA PHE D 318 -34.99 33.21 -6.44
C PHE D 318 -36.01 33.55 -7.51
N VAL D 319 -36.81 32.57 -7.94
CA VAL D 319 -37.92 32.87 -8.84
C VAL D 319 -38.90 33.83 -8.17
N ALA D 320 -39.19 33.59 -6.89
CA ALA D 320 -40.05 34.50 -6.15
C ALA D 320 -39.44 35.89 -6.06
N ASN D 321 -38.13 35.98 -5.81
CA ASN D 321 -37.48 37.29 -5.74
C ASN D 321 -37.61 38.04 -7.06
N VAL D 322 -37.31 37.38 -8.17
CA VAL D 322 -37.33 38.09 -9.45
C VAL D 322 -38.76 38.47 -9.82
N MET D 323 -39.74 37.59 -9.56
CA MET D 323 -41.13 37.92 -9.84
C MET D 323 -41.62 39.08 -8.99
N ARG D 324 -41.26 39.09 -7.71
CA ARG D 324 -41.67 40.19 -6.83
C ARG D 324 -41.01 41.50 -7.26
N ALA D 325 -39.75 41.43 -7.70
CA ALA D 325 -39.06 42.65 -8.10
C ALA D 325 -39.67 43.22 -9.39
N LEU D 326 -39.85 42.38 -10.40
CA LEU D 326 -40.39 42.87 -11.66
C LEU D 326 -41.85 43.30 -11.53
N GLY D 327 -42.67 42.45 -10.90
CA GLY D 327 -44.09 42.75 -10.77
C GLY D 327 -44.38 43.73 -9.65
N GLY D 328 -44.07 43.34 -8.42
CA GLY D 328 -44.37 44.15 -7.26
C GLY D 328 -44.68 43.29 -6.05
N PRO D 329 -45.36 43.86 -5.05
CA PRO D 329 -45.71 43.09 -3.87
C PRO D 329 -47.03 42.33 -3.97
N SER D 330 -47.93 42.72 -4.87
CA SER D 330 -49.20 42.01 -5.00
C SER D 330 -49.02 40.64 -5.64
N LEU D 331 -47.92 40.44 -6.35
CA LEU D 331 -47.69 39.15 -7.01
C LEU D 331 -47.49 38.03 -5.99
N VAL D 332 -46.59 38.24 -5.03
CA VAL D 332 -46.28 37.24 -4.02
C VAL D 332 -46.20 37.89 -2.64
N PRO D 333 -46.90 37.37 -1.65
CA PRO D 333 -46.77 37.93 -0.29
C PRO D 333 -45.40 37.64 0.30
N SER D 334 -44.98 38.55 1.19
CA SER D 334 -43.70 38.39 1.85
C SER D 334 -43.56 37.12 2.69
N PRO D 335 -44.57 36.66 3.45
CA PRO D 335 -44.40 35.42 4.21
C PRO D 335 -44.01 34.21 3.37
N ALA D 336 -44.57 34.08 2.15
CA ALA D 336 -44.16 32.99 1.29
C ALA D 336 -42.69 33.08 0.92
N LEU D 337 -42.22 34.30 0.63
CA LEU D 337 -40.81 34.49 0.30
C LEU D 337 -39.92 34.16 1.48
N LEU D 338 -40.35 34.52 2.70
CA LEU D 338 -39.59 34.16 3.90
C LEU D 338 -39.56 32.65 4.08
N ALA D 339 -40.68 31.98 3.81
CA ALA D 339 -40.68 30.52 3.89
C ALA D 339 -39.71 29.91 2.89
N LEU D 340 -39.64 30.46 1.68
CA LEU D 340 -38.68 29.98 0.69
C LEU D 340 -37.25 30.22 1.14
N ASN D 341 -36.99 31.36 1.77
CA ASN D 341 -35.66 31.59 2.33
C ASN D 341 -35.35 30.58 3.42
N TRP D 342 -36.36 30.15 4.17
CA TRP D 342 -36.16 29.07 5.12
C TRP D 342 -35.75 27.78 4.43
N LEU D 343 -36.31 27.48 3.27
CA LEU D 343 -35.87 26.33 2.49
C LEU D 343 -34.43 26.48 2.03
N GLY D 344 -34.05 27.70 1.64
CA GLY D 344 -32.66 27.94 1.28
C GLY D 344 -31.70 27.69 2.44
N TYR D 345 -32.07 28.15 3.62
CA TYR D 345 -31.25 27.87 4.80
C TYR D 345 -31.24 26.38 5.11
N ALA D 346 -32.34 25.68 4.86
CA ALA D 346 -32.34 24.23 5.00
C ALA D 346 -31.35 23.58 4.04
N ASN D 347 -31.24 24.08 2.81
CA ASN D 347 -30.23 23.58 1.88
C ASN D 347 -28.83 23.83 2.42
N SER D 348 -28.60 25.02 2.97
CA SER D 348 -27.31 25.28 3.61
C SER D 348 -27.05 24.29 4.73
N ALA D 349 -28.11 23.82 5.40
CA ALA D 349 -27.95 22.80 6.42
C ALA D 349 -27.60 21.44 5.83
N PHE D 350 -28.27 21.04 4.74
CA PHE D 350 -28.00 19.72 4.17
C PHE D 350 -26.69 19.64 3.43
N ASN D 351 -26.09 20.77 3.03
CA ASN D 351 -24.85 20.70 2.26
C ASN D 351 -23.75 19.88 2.90
N PRO D 352 -23.48 19.94 4.21
CA PRO D 352 -22.46 19.04 4.79
C PRO D 352 -22.75 17.56 4.58
N LEU D 353 -24.01 17.15 4.47
CA LEU D 353 -24.36 15.74 4.35
C LEU D 353 -24.22 15.20 2.93
N ILE D 354 -24.31 16.07 1.92
CA ILE D 354 -24.34 15.63 0.52
C ILE D 354 -22.94 15.59 -0.09
N TYR D 355 -22.00 16.35 0.48
CA TYR D 355 -20.63 16.39 -0.03
C TYR D 355 -19.63 15.75 0.91
N CYS D 356 -20.08 14.95 1.88
CA CYS D 356 -19.16 14.29 2.80
C CYS D 356 -19.62 12.85 3.04
N ARG D 357 -20.01 12.17 1.97
CA ARG D 357 -20.50 10.79 2.06
C ARG D 357 -19.41 9.77 1.80
N SER D 358 -18.21 10.19 1.44
CA SER D 358 -17.15 9.24 1.11
C SER D 358 -16.74 8.47 2.37
N PRO D 359 -16.29 7.22 2.22
CA PRO D 359 -15.93 6.43 3.41
C PRO D 359 -14.80 7.04 4.23
N ASP D 360 -13.93 7.86 3.61
CA ASP D 360 -12.87 8.51 4.38
C ASP D 360 -13.46 9.46 5.41
N PHE D 361 -14.45 10.25 5.01
CA PHE D 361 -15.10 11.16 5.95
C PHE D 361 -15.81 10.39 7.06
N ARG D 362 -16.48 9.29 6.72
CA ARG D 362 -17.17 8.51 7.73
C ARG D 362 -16.19 7.89 8.72
N SER D 363 -15.06 7.37 8.22
CA SER D 363 -14.04 6.82 9.11
C SER D 363 -13.46 7.89 10.02
N ALA D 364 -13.21 9.09 9.48
CA ALA D 364 -12.74 10.19 10.32
C ALA D 364 -13.78 10.56 11.36
N PHE D 365 -15.06 10.53 10.99
CA PHE D 365 -16.14 10.84 11.93
C PHE D 365 -16.16 9.83 13.06
N ARG D 366 -15.95 8.55 12.75
CA ARG D 366 -15.93 7.53 13.80
C ARG D 366 -14.79 7.78 14.78
N ARG D 367 -13.63 8.23 14.29
CA ARG D 367 -12.54 8.59 15.18
C ARG D 367 -12.90 9.79 16.06
N LEU D 368 -13.60 10.77 15.49
CA LEU D 368 -13.97 11.97 16.23
C LEU D 368 -15.13 11.75 17.18
N LEU D 369 -15.88 10.66 17.02
CA LEU D 369 -17.02 10.38 17.90
C LEU D 369 -16.95 8.95 18.43
N ALA E 10 31.28 -30.90 -4.62
CA ALA E 10 31.49 -30.88 -3.18
C ALA E 10 30.42 -30.06 -2.47
N GLN E 11 29.28 -29.89 -3.14
CA GLN E 11 28.16 -29.17 -2.53
C GLN E 11 27.62 -29.92 -1.32
N ALA E 12 27.50 -31.25 -1.43
CA ALA E 12 27.07 -32.05 -0.28
C ALA E 12 28.19 -32.24 0.73
N ARG E 13 29.43 -32.33 0.28
CA ARG E 13 30.55 -32.46 1.20
C ARG E 13 30.69 -31.23 2.08
N LYS E 14 30.47 -30.05 1.50
CA LYS E 14 30.46 -28.84 2.31
C LYS E 14 29.25 -28.79 3.23
N LEU E 15 28.10 -29.27 2.74
CA LEU E 15 26.88 -29.23 3.56
C LEU E 15 27.01 -30.12 4.78
N VAL E 16 27.58 -31.31 4.64
CA VAL E 16 27.66 -32.23 5.77
C VAL E 16 28.64 -31.70 6.82
N GLU E 17 29.77 -31.14 6.38
CA GLU E 17 30.72 -30.59 7.35
C GLU E 17 30.18 -29.31 7.97
N GLN E 18 29.42 -28.52 7.22
CA GLN E 18 28.77 -27.34 7.79
C GLN E 18 27.78 -27.74 8.88
N LEU E 19 26.97 -28.76 8.62
CA LEU E 19 25.99 -29.20 9.61
C LEU E 19 26.68 -29.77 10.84
N LYS E 20 27.83 -30.43 10.65
CA LYS E 20 28.60 -30.89 11.80
C LYS E 20 29.15 -29.73 12.61
N MET E 21 29.42 -28.60 11.96
CA MET E 21 29.90 -27.42 12.67
C MET E 21 28.85 -26.92 13.66
N GLU E 22 27.58 -26.89 13.24
CA GLU E 22 26.51 -26.52 14.16
C GLU E 22 26.21 -27.62 15.18
N ALA E 23 26.75 -28.82 15.00
CA ALA E 23 26.53 -29.91 15.94
C ALA E 23 27.45 -29.85 17.15
N ASN E 24 28.43 -28.94 17.18
CA ASN E 24 29.37 -28.82 18.28
C ASN E 24 29.17 -27.54 19.08
N ILE E 25 28.02 -26.89 18.94
CA ILE E 25 27.73 -25.68 19.69
C ILE E 25 27.28 -26.07 21.10
N ASP E 26 27.76 -25.32 22.09
CA ASP E 26 27.42 -25.59 23.48
C ASP E 26 25.93 -25.36 23.70
N ARG E 27 25.28 -26.33 24.34
CA ARG E 27 23.84 -26.29 24.58
C ARG E 27 23.56 -26.41 26.07
N ILE E 28 22.59 -25.64 26.55
CA ILE E 28 22.12 -25.73 27.92
C ILE E 28 20.63 -26.04 27.91
N LYS E 29 20.12 -26.42 29.06
CA LYS E 29 18.70 -26.72 29.18
C LYS E 29 17.87 -25.45 28.95
N VAL E 30 16.69 -25.63 28.36
CA VAL E 30 15.80 -24.49 28.16
C VAL E 30 15.30 -23.94 29.48
N SER E 31 15.07 -24.82 30.46
CA SER E 31 14.54 -24.38 31.75
C SER E 31 15.47 -23.38 32.42
N LYS E 32 16.76 -23.70 32.50
CA LYS E 32 17.71 -22.73 33.04
C LYS E 32 17.83 -21.53 32.12
N ALA E 33 17.77 -21.74 30.80
CA ALA E 33 17.78 -20.62 29.87
C ALA E 33 16.55 -19.75 30.00
N ALA E 34 15.42 -20.34 30.39
CA ALA E 34 14.20 -19.55 30.58
C ALA E 34 14.36 -18.58 31.74
N ALA E 35 14.95 -19.04 32.86
CA ALA E 35 15.11 -18.18 34.02
C ALA E 35 16.03 -17.01 33.73
N ASP E 36 17.08 -17.23 32.94
CA ASP E 36 18.00 -16.14 32.62
C ASP E 36 17.31 -15.05 31.82
N LEU E 37 16.43 -15.43 30.89
CA LEU E 37 15.72 -14.43 30.09
C LEU E 37 14.80 -13.56 30.94
N MET E 38 14.06 -14.17 31.87
CA MET E 38 13.12 -13.40 32.66
C MET E 38 13.80 -12.58 33.75
N ALA E 39 14.95 -13.05 34.25
CA ALA E 39 15.64 -12.32 35.30
C ALA E 39 16.09 -10.95 34.81
N TYR E 40 16.58 -10.87 33.58
CA TYR E 40 17.04 -9.60 33.04
C TYR E 40 15.90 -8.59 32.93
N CYS E 41 14.72 -9.05 32.51
CA CYS E 41 13.57 -8.15 32.42
C CYS E 41 13.22 -7.57 33.78
N GLU E 42 13.18 -8.42 34.81
CA GLU E 42 12.87 -7.95 36.15
C GLU E 42 13.98 -7.07 36.71
N ALA E 43 15.24 -7.41 36.42
CA ALA E 43 16.35 -6.61 36.91
C ALA E 43 16.35 -5.22 36.33
N HIS E 44 16.03 -5.09 35.04
CA HIS E 44 16.01 -3.81 34.35
C HIS E 44 14.61 -3.23 34.21
N ALA E 45 13.61 -3.80 34.89
CA ALA E 45 12.25 -3.28 34.84
C ALA E 45 12.15 -1.90 35.46
N LYS E 46 13.12 -1.50 36.28
CA LYS E 46 13.05 -0.21 36.95
C LYS E 46 13.35 0.94 36.00
N GLU E 47 13.96 0.68 34.85
CA GLU E 47 14.37 1.71 33.91
C GLU E 47 13.73 1.49 32.54
N ASP E 48 12.44 1.18 32.51
CA ASP E 48 11.71 0.94 31.28
C ASP E 48 10.49 1.86 31.21
N PRO E 49 10.60 3.02 30.58
CA PRO E 49 9.46 3.96 30.55
C PRO E 49 8.20 3.38 29.91
N LEU E 50 8.33 2.56 28.88
CA LEU E 50 7.14 1.90 28.31
C LEU E 50 6.50 0.97 29.33
N LEU E 51 7.32 0.20 30.06
CA LEU E 51 6.77 -0.70 31.07
C LEU E 51 6.22 0.08 32.25
N THR E 52 7.06 0.91 32.86
CA THR E 52 6.62 1.75 33.99
C THR E 52 6.55 3.19 33.53
N PRO E 53 5.36 3.79 33.43
CA PRO E 53 5.27 5.19 32.99
C PRO E 53 5.95 6.13 33.97
N VAL E 54 6.48 7.21 33.42
CA VAL E 54 7.23 8.20 34.19
C VAL E 54 6.39 9.46 34.34
N PRO E 55 6.65 10.31 35.32
CA PRO E 55 5.90 11.57 35.44
C PRO E 55 6.06 12.42 34.18
N ALA E 56 4.99 13.13 33.82
CA ALA E 56 4.97 13.90 32.58
C ALA E 56 5.95 15.06 32.60
N SER E 57 6.42 15.48 33.78
CA SER E 57 7.41 16.55 33.84
C SER E 57 8.71 16.14 33.17
N GLU E 58 9.17 14.90 33.42
CA GLU E 58 10.39 14.40 32.82
C GLU E 58 10.18 13.80 31.43
N ASN E 59 8.94 13.60 31.01
CA ASN E 59 8.65 13.12 29.67
C ASN E 59 9.05 14.19 28.67
N PRO E 60 9.94 13.90 27.72
CA PRO E 60 10.40 14.95 26.80
C PRO E 60 9.46 15.18 25.62
N PHE E 61 8.51 14.29 25.37
CA PHE E 61 7.59 14.44 24.25
C PHE E 61 6.30 15.12 24.67
#